data_3Q33
#
_entry.id   3Q33
#
_cell.length_a   97.543
_cell.length_b   119.570
_cell.length_c   80.566
_cell.angle_alpha   90.00
_cell.angle_beta   90.00
_cell.angle_gamma   90.00
#
_symmetry.space_group_name_H-M   'P 21 21 2'
#
loop_
_entity.id
_entity.type
_entity.pdbx_description
1 polymer 'Histone acetyltransferase RTT109'
2 polymer 'Vacuolar protein sorting-associated protein 75'
3 polymer 'HISTONE H3'
4 non-polymer 'ACETYL COENZYME *A'
5 non-polymer 1,2-ETHANEDIOL
6 water water
#
loop_
_entity_poly.entity_id
_entity_poly.type
_entity_poly.pdbx_seq_one_letter_code
_entity_poly.pdbx_strand_id
1 'polypeptide(L)'
;GSMSLNDFLSSVLPVSEQFEYLSLQSIPLETHAVVTPNKDDKRVPKSTIKTQHFFSLFHQGKVFFSLEVYVYVTLWDEAD
AERLIFVSKADTNGYCNTRVSVRDITKIILEFILSIDPNYYLQKVKPAIRSYKKISPELISAASTPARTLRILARRLKQS
GSTVLKEIESPRFQQDLYLSFTCPREILTKICLFTRPASQYLFPDSSKNSKKHILNGEELMKWWGFILDRLLIECFQNDT
QAKLRIPGEDPARVRSYLRGMKYPLWQVGDIFTSKENSLAVYNIPLFPDDP(ALY)ARFIHQLAEEDRLLKVSLSSFWIE
LQERQEFKLSVTSSVMGISGYSLATPSLFPSSADVIVPKSRKQFRAIKKYITGEEYDTEEGAIEAFTNIRDFLLLRMATN
LQSLTGKREHRERNQPVPASNINTLAITMLKPRKKAKALPKT
;
A
2 'polypeptide(L)'
;MMSDQENENEHAKAFLGLAKCEEEVDAIEREVELYRLNKMKPVYEKRDAYIDEIAEFWKIVLSQHVSFANYIRASDFKYI
DTIDKIKVEWLALESEMYDTRDFSITFHFHGIEGDFKEQQVTKVFQIKKGKDDQEDGILTSEPVPIEWPQSYDSINPDLI
KDKRSPEGKKKYRQGMKTIFGWFRWTGLKPGKEFPHGDSLASLFSEEIYPFCVKYYAEAQRDLEDEEGESGL
;
B
3 'polypeptide(L)' ARTKQTARKSTGGK(NH2) D
#
loop_
_chem_comp.id
_chem_comp.type
_chem_comp.name
_chem_comp.formula
ACO non-polymer 'ACETYL COENZYME *A' 'C23 H38 N7 O17 P3 S'
EDO non-polymer 1,2-ETHANEDIOL 'C2 H6 O2'
NH2 non-polymer 'AMINO GROUP' 'H2 N'
#
# COMPACT_ATOMS: atom_id res chain seq x y z
N MET A 3 -20.26 -16.21 13.84
CA MET A 3 -19.16 -17.06 13.39
C MET A 3 -17.98 -16.26 12.85
N SER A 4 -16.85 -16.92 12.66
CA SER A 4 -15.59 -16.28 12.23
C SER A 4 -15.48 -15.99 10.73
N LEU A 5 -14.58 -15.06 10.37
CA LEU A 5 -14.31 -14.74 8.97
C LEU A 5 -14.00 -16.00 8.17
N ASN A 6 -13.25 -16.89 8.79
CA ASN A 6 -12.88 -18.15 8.15
C ASN A 6 -14.11 -19.00 7.81
N ASP A 7 -15.11 -18.98 8.68
CA ASP A 7 -16.34 -19.72 8.43
C ASP A 7 -17.10 -19.10 7.26
N PHE A 8 -17.15 -17.77 7.24
CA PHE A 8 -17.93 -17.06 6.25
C PHE A 8 -17.49 -17.33 4.83
N LEU A 9 -16.21 -17.14 4.56
CA LEU A 9 -15.68 -17.32 3.22
C LEU A 9 -15.87 -18.76 2.75
N SER A 10 -15.49 -19.72 3.59
CA SER A 10 -15.63 -21.13 3.21
C SER A 10 -17.06 -21.46 2.80
N SER A 11 -18.03 -20.80 3.40
CA SER A 11 -19.42 -21.13 3.11
C SER A 11 -19.90 -20.54 1.78
N VAL A 12 -18.98 -19.94 1.02
CA VAL A 12 -19.32 -19.32 -0.27
C VAL A 12 -18.37 -19.72 -1.39
N LEU A 13 -17.29 -20.41 -1.01
CA LEU A 13 -16.35 -20.93 -1.99
C LEU A 13 -16.70 -22.39 -2.28
N PRO A 14 -16.45 -22.85 -3.52
CA PRO A 14 -16.84 -24.19 -3.96
C PRO A 14 -16.27 -25.31 -3.07
N VAL A 15 -17.05 -26.39 -2.92
CA VAL A 15 -16.71 -27.50 -2.03
C VAL A 15 -15.44 -28.21 -2.40
N SER A 16 -14.77 -28.74 -1.38
CA SER A 16 -13.50 -29.46 -1.52
C SER A 16 -12.32 -28.54 -1.88
N GLU A 17 -12.63 -27.37 -2.42
CA GLU A 17 -11.62 -26.44 -2.91
C GLU A 17 -10.85 -25.71 -1.80
N GLN A 18 -9.57 -25.46 -2.07
CA GLN A 18 -8.70 -24.81 -1.11
C GLN A 18 -8.29 -23.39 -1.53
N PHE A 19 -8.42 -22.46 -0.58
CA PHE A 19 -8.10 -21.07 -0.83
C PHE A 19 -7.36 -20.50 0.35
N GLU A 20 -6.82 -19.31 0.16
CA GLU A 20 -6.14 -18.63 1.24
C GLU A 20 -6.58 -17.19 1.15
N TYR A 21 -6.48 -16.47 2.27
CA TYR A 21 -6.89 -15.08 2.26
C TYR A 21 -6.17 -14.23 3.28
N LEU A 22 -6.24 -12.92 3.08
CA LEU A 22 -5.57 -11.98 3.96
C LEU A 22 -6.55 -10.91 4.40
N SER A 23 -6.76 -10.81 5.71
CA SER A 23 -7.55 -9.72 6.28
C SER A 23 -6.58 -8.81 6.98
N LEU A 24 -6.24 -7.70 6.34
CA LEU A 24 -5.30 -6.77 6.93
C LEU A 24 -6.15 -5.69 7.54
N GLN A 25 -5.68 -5.10 8.63
CA GLN A 25 -6.46 -4.09 9.34
C GLN A 25 -5.55 -3.05 9.87
N SER A 26 -5.92 -1.80 9.64
CA SER A 26 -5.19 -0.66 10.15
C SER A 26 -5.44 -0.54 11.66
N ILE A 27 -4.53 0.15 12.34
CA ILE A 27 -4.73 0.52 13.74
C ILE A 27 -5.75 1.66 13.85
N PRO A 28 -6.85 1.41 14.58
CA PRO A 28 -7.91 2.42 14.68
C PRO A 28 -7.35 3.78 15.07
N LEU A 29 -7.47 4.76 14.18
CA LEU A 29 -6.91 6.07 14.38
C LEU A 29 -8.04 7.09 14.61
N GLU A 30 -7.92 7.88 15.67
CA GLU A 30 -8.85 8.99 15.91
C GLU A 30 -8.65 10.06 14.87
N THR A 31 -9.71 10.37 14.14
CA THR A 31 -9.62 11.28 13.01
C THR A 31 -10.70 12.33 13.09
N HIS A 32 -10.74 13.21 12.11
CA HIS A 32 -11.77 14.25 12.07
C HIS A 32 -13.16 13.69 11.68
N ALA A 33 -14.21 14.51 11.79
CA ALA A 33 -15.57 14.02 11.59
C ALA A 33 -15.76 13.54 10.17
N VAL A 34 -16.56 12.50 10.00
CA VAL A 34 -16.87 12.05 8.66
C VAL A 34 -17.56 13.15 7.87
N VAL A 35 -18.56 13.79 8.49
CA VAL A 35 -19.27 14.92 7.88
C VAL A 35 -18.75 16.22 8.46
N THR A 36 -18.53 17.20 7.59
CA THR A 36 -18.06 18.52 8.02
C THR A 36 -19.11 19.16 8.94
N PRO A 37 -18.72 19.44 10.20
CA PRO A 37 -19.61 20.00 11.22
C PRO A 37 -19.76 21.51 11.05
N ASN A 38 -20.90 22.08 11.44
CA ASN A 38 -20.98 23.54 11.49
C ASN A 38 -20.71 24.08 12.89
N LYS A 39 -20.09 25.26 12.96
CA LYS A 39 -19.73 25.87 14.23
C LYS A 39 -20.94 25.90 15.17
N ASP A 40 -21.85 26.82 14.91
CA ASP A 40 -23.04 26.96 15.75
C ASP A 40 -24.01 25.78 15.64
N ASP A 41 -23.59 24.64 16.19
CA ASP A 41 -24.45 23.46 16.16
C ASP A 41 -24.48 22.77 17.53
N LYS A 42 -25.69 22.41 17.95
CA LYS A 42 -25.93 21.81 19.27
C LYS A 42 -25.06 20.57 19.47
N ARG A 43 -25.23 19.60 18.58
CA ARG A 43 -24.46 18.37 18.66
C ARG A 43 -23.45 18.26 17.52
N VAL A 44 -22.17 18.27 17.90
CA VAL A 44 -21.09 17.95 16.98
C VAL A 44 -20.36 16.75 17.56
N PRO A 45 -19.68 15.98 16.70
CA PRO A 45 -19.03 14.73 17.11
C PRO A 45 -18.01 14.91 18.23
N LYS A 46 -17.91 13.91 19.10
CA LYS A 46 -16.97 13.95 20.19
C LYS A 46 -15.65 13.39 19.67
N SER A 47 -15.75 12.25 19.01
CA SER A 47 -14.59 11.66 18.38
C SER A 47 -15.03 10.78 17.20
N THR A 48 -14.18 10.71 16.19
CA THR A 48 -14.43 9.88 15.02
C THR A 48 -13.30 8.87 14.91
N ILE A 49 -13.59 7.59 15.13
CA ILE A 49 -12.58 6.53 14.99
C ILE A 49 -12.58 5.79 13.62
N LYS A 50 -11.53 5.99 12.82
CA LYS A 50 -11.41 5.39 11.47
C LYS A 50 -10.48 4.20 11.41
N THR A 51 -10.91 3.14 10.74
CA THR A 51 -10.14 1.91 10.60
C THR A 51 -10.30 1.37 9.19
N GLN A 52 -9.26 0.74 8.65
CA GLN A 52 -9.38 0.19 7.32
C GLN A 52 -9.28 -1.33 7.35
N HIS A 53 -10.20 -1.99 6.66
CA HIS A 53 -10.10 -3.43 6.47
C HIS A 53 -9.79 -3.67 5.01
N PHE A 54 -8.70 -4.40 4.75
CA PHE A 54 -8.30 -4.73 3.38
C PHE A 54 -8.18 -6.24 3.27
N PHE A 55 -8.85 -6.84 2.29
CA PHE A 55 -8.84 -8.30 2.13
C PHE A 55 -8.34 -8.74 0.77
N SER A 56 -7.73 -9.91 0.74
CA SER A 56 -7.38 -10.52 -0.53
C SER A 56 -7.59 -12.02 -0.49
N LEU A 57 -8.06 -12.56 -1.60
CA LEU A 57 -8.19 -13.99 -1.73
C LEU A 57 -7.11 -14.55 -2.64
N PHE A 58 -6.65 -15.75 -2.30
CA PHE A 58 -5.64 -16.41 -3.11
C PHE A 58 -6.10 -17.80 -3.46
N HIS A 59 -5.70 -18.25 -4.65
CA HIS A 59 -5.98 -19.60 -5.13
C HIS A 59 -4.72 -20.21 -5.77
N GLN A 60 -4.32 -21.39 -5.30
CA GLN A 60 -3.21 -22.08 -5.94
C GLN A 60 -2.05 -21.15 -6.14
N GLY A 61 -1.71 -20.37 -5.12
CA GLY A 61 -0.54 -19.52 -5.18
C GLY A 61 -0.67 -18.30 -6.06
N LYS A 62 -1.91 -17.90 -6.35
CA LYS A 62 -2.17 -16.65 -7.06
C LYS A 62 -3.22 -15.84 -6.34
N VAL A 63 -2.98 -14.53 -6.20
CA VAL A 63 -4.03 -13.62 -5.75
C VAL A 63 -4.99 -13.33 -6.92
N PHE A 64 -6.27 -13.13 -6.63
CA PHE A 64 -7.20 -12.87 -7.74
C PHE A 64 -8.30 -11.89 -7.38
N PHE A 65 -8.43 -11.56 -6.10
CA PHE A 65 -9.47 -10.65 -5.65
C PHE A 65 -9.03 -9.84 -4.45
N SER A 66 -9.51 -8.60 -4.33
CA SER A 66 -9.20 -7.71 -3.20
C SER A 66 -10.29 -6.68 -2.94
N LEU A 67 -10.41 -6.24 -1.69
CA LEU A 67 -11.50 -5.38 -1.29
C LEU A 67 -11.01 -4.45 -0.21
N GLU A 68 -11.43 -3.19 -0.24
CA GLU A 68 -10.93 -2.21 0.71
C GLU A 68 -12.09 -1.38 1.21
N VAL A 69 -12.35 -1.54 2.50
CA VAL A 69 -13.54 -1.04 3.17
C VAL A 69 -13.07 -0.26 4.39
N TYR A 70 -13.60 0.93 4.61
CA TYR A 70 -13.36 1.65 5.85
C TYR A 70 -14.58 1.60 6.75
N VAL A 71 -14.35 1.37 8.03
CA VAL A 71 -15.40 1.47 9.04
C VAL A 71 -15.17 2.71 9.89
N TYR A 72 -16.20 3.54 10.01
CA TYR A 72 -16.15 4.79 10.76
C TYR A 72 -17.11 4.76 11.97
N VAL A 73 -16.55 4.78 13.17
CA VAL A 73 -17.36 4.90 14.40
C VAL A 73 -17.34 6.31 14.99
N THR A 74 -18.48 6.98 14.94
CA THR A 74 -18.64 8.34 15.45
C THR A 74 -19.37 8.36 16.78
N LEU A 75 -18.79 9.05 17.76
CA LEU A 75 -19.38 9.15 19.10
C LEU A 75 -19.85 10.58 19.32
N TRP A 76 -21.13 10.72 19.65
CA TRP A 76 -21.70 12.03 19.99
C TRP A 76 -21.60 12.31 21.50
N ASP A 77 -21.82 11.28 22.32
CA ASP A 77 -21.64 11.39 23.76
C ASP A 77 -21.57 10.02 24.45
N GLU A 78 -22.01 9.99 25.71
CA GLU A 78 -21.96 8.80 26.56
C GLU A 78 -22.37 7.51 25.84
N ALA A 79 -23.61 7.49 25.36
CA ALA A 79 -24.23 6.30 24.73
C ALA A 79 -24.80 6.57 23.34
N ASP A 80 -24.56 7.77 22.82
CA ASP A 80 -25.07 8.13 21.50
C ASP A 80 -23.99 7.96 20.42
N ALA A 81 -23.91 6.75 19.87
CA ALA A 81 -22.94 6.41 18.84
C ALA A 81 -23.59 5.97 17.54
N GLU A 82 -22.74 5.63 16.58
CA GLU A 82 -23.15 5.51 15.18
C GLU A 82 -21.95 5.00 14.41
N ARG A 83 -22.15 4.01 13.55
CA ARG A 83 -21.05 3.46 12.77
C ARG A 83 -21.40 3.39 11.29
N LEU A 84 -20.40 3.65 10.45
CA LEU A 84 -20.60 3.65 9.00
C LEU A 84 -19.55 2.81 8.31
N ILE A 85 -20.01 1.92 7.45
CA ILE A 85 -19.12 1.08 6.67
C ILE A 85 -19.08 1.60 5.28
N PHE A 86 -17.90 2.06 4.85
CA PHE A 86 -17.75 2.64 3.51
C PHE A 86 -16.97 1.76 2.55
N VAL A 87 -17.58 1.29 1.46
CA VAL A 87 -16.89 0.35 0.59
C VAL A 87 -16.16 1.02 -0.54
N SER A 88 -14.83 1.09 -0.43
CA SER A 88 -14.02 1.91 -1.32
C SER A 88 -13.72 1.23 -2.66
N LYS A 89 -13.05 0.09 -2.62
CA LYS A 89 -12.62 -0.55 -3.85
C LYS A 89 -12.83 -2.05 -3.80
N ALA A 90 -12.98 -2.64 -4.98
CA ALA A 90 -13.14 -4.08 -5.11
C ALA A 90 -12.69 -4.44 -6.51
N ASP A 91 -11.87 -5.47 -6.64
CA ASP A 91 -11.22 -5.73 -7.92
C ASP A 91 -10.93 -7.21 -8.12
N THR A 92 -10.66 -7.57 -9.37
CA THR A 92 -10.25 -8.92 -9.71
C THR A 92 -9.20 -8.77 -10.78
N ASN A 93 -8.36 -9.79 -10.95
CA ASN A 93 -7.32 -9.69 -11.98
C ASN A 93 -7.45 -10.80 -13.01
N GLY A 94 -8.43 -11.68 -12.81
CA GLY A 94 -8.75 -12.70 -13.80
C GLY A 94 -7.65 -13.73 -13.93
N TYR A 95 -7.05 -14.08 -12.80
CA TYR A 95 -6.02 -15.09 -12.74
C TYR A 95 -6.45 -16.18 -11.78
N CYS A 96 -7.75 -16.33 -11.60
CA CYS A 96 -8.20 -17.48 -10.85
C CYS A 96 -8.37 -18.66 -11.80
N ASN A 97 -7.67 -19.75 -11.51
CA ASN A 97 -7.77 -20.96 -12.32
C ASN A 97 -9.19 -21.50 -12.29
N THR A 98 -9.83 -21.37 -11.12
CA THR A 98 -11.17 -21.92 -10.89
C THR A 98 -12.21 -20.81 -10.95
N ARG A 99 -13.49 -21.18 -10.90
CA ARG A 99 -14.56 -20.17 -10.88
C ARG A 99 -15.24 -20.03 -9.52
N VAL A 100 -15.61 -18.80 -9.19
CA VAL A 100 -16.11 -18.42 -7.88
C VAL A 100 -17.10 -17.28 -8.07
N SER A 101 -18.02 -17.09 -7.12
CA SER A 101 -18.84 -15.87 -7.11
C SER A 101 -18.19 -14.74 -6.28
N VAL A 102 -17.45 -13.86 -6.96
CA VAL A 102 -16.93 -12.67 -6.30
C VAL A 102 -18.07 -11.98 -5.58
N ARG A 103 -19.23 -11.92 -6.22
CA ARG A 103 -20.41 -11.33 -5.63
C ARG A 103 -20.69 -11.89 -4.24
N ASP A 104 -20.50 -13.18 -4.05
CA ASP A 104 -20.91 -13.79 -2.79
C ASP A 104 -19.81 -13.62 -1.76
N ILE A 105 -18.57 -13.72 -2.24
CA ILE A 105 -17.40 -13.42 -1.41
C ILE A 105 -17.49 -11.99 -0.88
N THR A 106 -17.73 -11.03 -1.77
CA THR A 106 -17.91 -9.64 -1.35
C THR A 106 -19.06 -9.42 -0.36
N LYS A 107 -20.23 -9.98 -0.62
CA LYS A 107 -21.32 -9.88 0.34
C LYS A 107 -20.93 -10.49 1.69
N ILE A 108 -20.33 -11.67 1.65
CA ILE A 108 -19.95 -12.37 2.86
C ILE A 108 -19.00 -11.57 3.74
N ILE A 109 -17.95 -11.04 3.13
CA ILE A 109 -16.97 -10.24 3.87
C ILE A 109 -17.65 -9.04 4.55
N LEU A 110 -18.64 -8.43 3.90
CA LEU A 110 -19.40 -7.34 4.54
C LEU A 110 -20.31 -7.83 5.68
N GLU A 111 -20.89 -9.03 5.54
CA GLU A 111 -21.67 -9.59 6.65
C GLU A 111 -20.76 -9.58 7.83
N PHE A 112 -19.55 -10.10 7.61
CA PHE A 112 -18.59 -10.31 8.68
C PHE A 112 -18.34 -8.99 9.37
N ILE A 113 -18.02 -7.99 8.57
CA ILE A 113 -17.70 -6.67 9.08
C ILE A 113 -18.86 -6.11 9.87
N LEU A 114 -20.08 -6.40 9.42
CA LEU A 114 -21.28 -5.90 10.08
C LEU A 114 -21.41 -6.51 11.45
N SER A 115 -20.97 -7.76 11.59
CA SER A 115 -21.07 -8.48 12.87
C SER A 115 -20.17 -7.92 13.97
N ILE A 116 -19.04 -7.33 13.56
CA ILE A 116 -18.08 -6.84 14.54
C ILE A 116 -18.70 -5.82 15.50
N ASP A 117 -18.54 -6.09 16.79
CA ASP A 117 -18.95 -5.18 17.84
C ASP A 117 -18.18 -3.88 17.66
N PRO A 118 -18.90 -2.76 17.51
CA PRO A 118 -18.24 -1.47 17.33
C PRO A 118 -17.20 -1.21 18.40
N ASN A 119 -17.40 -1.76 19.59
CA ASN A 119 -16.51 -1.44 20.70
C ASN A 119 -15.10 -1.87 20.43
N TYR A 120 -14.96 -2.77 19.46
CA TYR A 120 -13.67 -3.33 19.09
C TYR A 120 -12.72 -2.25 18.59
N TYR A 121 -13.20 -1.33 17.78
CA TYR A 121 -12.35 -0.24 17.30
C TYR A 121 -12.13 0.81 18.39
N LEU A 122 -12.79 0.62 19.52
CA LEU A 122 -12.76 1.62 20.61
C LEU A 122 -11.81 1.31 21.76
N GLN A 123 -11.30 0.06 21.82
CA GLN A 123 -10.32 -0.32 22.83
C GLN A 123 -9.13 0.62 22.83
N LYS A 124 -8.20 0.42 21.91
CA LYS A 124 -7.03 1.30 21.80
C LYS A 124 -7.06 2.06 20.48
N VAL A 125 -7.09 3.39 20.56
CA VAL A 125 -7.16 4.23 19.37
C VAL A 125 -5.98 5.18 19.28
N LYS A 126 -5.33 5.20 18.11
CA LYS A 126 -4.21 6.10 17.87
C LYS A 126 -4.70 7.53 17.74
N PRO A 127 -4.30 8.42 18.67
CA PRO A 127 -4.74 9.82 18.66
C PRO A 127 -4.20 10.59 17.47
N ALA A 128 -4.88 11.67 17.11
CA ALA A 128 -4.42 12.53 16.02
C ALA A 128 -3.20 13.37 16.42
N ILE A 129 -2.97 13.49 17.72
CA ILE A 129 -1.92 14.38 18.22
C ILE A 129 -1.71 14.19 19.73
N ARG A 130 -0.51 13.76 20.12
CA ARG A 130 -0.27 13.28 21.47
C ARG A 130 0.60 14.20 22.35
N SER A 131 0.77 13.82 23.61
CA SER A 131 1.59 14.61 24.55
C SER A 131 3.07 14.56 24.24
N SER A 136 8.90 16.32 31.11
CA SER A 136 9.92 15.33 30.79
C SER A 136 10.05 15.10 29.28
N PRO A 137 11.11 15.65 28.67
CA PRO A 137 11.36 15.58 27.23
C PRO A 137 12.29 14.43 26.81
N GLU A 138 13.12 14.70 25.80
CA GLU A 138 14.14 13.76 25.34
C GLU A 138 13.58 12.65 24.46
N LEU A 139 12.71 13.02 23.51
CA LEU A 139 12.15 12.05 22.59
C LEU A 139 12.69 12.22 21.18
N ILE A 140 12.80 11.11 20.46
CA ILE A 140 13.17 11.15 19.04
C ILE A 140 11.93 10.96 18.17
N SER A 141 11.56 12.01 17.44
CA SER A 141 10.36 12.01 16.64
C SER A 141 10.62 12.66 15.29
N ALA A 142 9.60 12.66 14.43
CA ALA A 142 9.68 13.29 13.13
C ALA A 142 10.45 14.62 13.18
N ALA A 143 10.25 15.37 14.26
CA ALA A 143 11.00 16.60 14.48
C ALA A 143 12.31 16.29 15.19
N SER A 144 13.22 15.63 14.48
CA SER A 144 14.52 15.27 15.03
C SER A 144 15.53 15.08 13.91
N THR A 145 16.28 16.12 13.59
CA THR A 145 17.33 15.96 12.58
C THR A 145 18.16 14.73 12.95
N PRO A 146 18.82 14.13 11.97
CA PRO A 146 19.58 12.90 12.24
C PRO A 146 20.70 13.17 13.24
N ALA A 147 21.29 14.36 13.21
CA ALA A 147 22.32 14.72 14.19
C ALA A 147 21.72 14.68 15.59
N ARG A 148 20.70 15.49 15.81
CA ARG A 148 19.95 15.44 17.05
C ARG A 148 19.72 14.00 17.53
N THR A 149 19.28 13.15 16.63
CA THR A 149 18.92 11.78 16.98
C THR A 149 20.13 10.98 17.45
N LEU A 150 21.25 11.21 16.79
CA LEU A 150 22.47 10.46 17.07
C LEU A 150 23.09 10.96 18.37
N ARG A 151 23.07 12.27 18.54
CA ARG A 151 23.47 12.91 19.79
C ARG A 151 22.62 12.33 20.90
N ILE A 152 21.31 12.32 20.71
CA ILE A 152 20.39 11.80 21.72
C ILE A 152 20.78 10.37 22.09
N LEU A 153 20.82 9.47 21.11
CA LEU A 153 21.27 8.11 21.39
C LEU A 153 22.63 8.06 22.10
N ALA A 154 23.44 9.11 21.92
CA ALA A 154 24.72 9.18 22.59
C ALA A 154 24.56 9.48 24.09
N ARG A 155 23.86 10.57 24.40
CA ARG A 155 23.66 10.99 25.79
C ARG A 155 22.72 10.05 26.54
N ARG A 156 22.19 9.08 25.83
CA ARG A 156 21.23 8.14 26.39
C ARG A 156 21.93 6.81 26.60
N LEU A 157 23.08 6.66 25.95
CA LEU A 157 23.95 5.52 26.16
C LEU A 157 24.88 5.82 27.32
N LYS A 158 25.49 6.99 27.29
CA LYS A 158 26.45 7.42 28.29
C LYS A 158 25.83 7.43 29.68
N GLN A 159 24.53 7.73 29.74
CA GLN A 159 23.82 7.83 31.02
C GLN A 159 23.14 6.54 31.44
N SER A 160 22.59 5.83 30.47
CA SER A 160 21.84 4.61 30.74
C SER A 160 22.61 3.40 30.20
N GLY A 161 22.24 2.21 30.65
CA GLY A 161 22.88 1.01 30.14
C GLY A 161 22.80 0.88 28.63
N SER A 162 21.61 1.18 28.08
CA SER A 162 21.32 1.01 26.65
C SER A 162 20.85 2.30 25.99
N THR A 163 19.80 2.18 25.18
CA THR A 163 19.36 3.25 24.31
C THR A 163 17.84 3.28 24.17
N VAL A 164 17.15 2.66 25.13
CA VAL A 164 15.69 2.66 25.18
C VAL A 164 15.24 3.34 26.48
N LEU A 165 13.93 3.53 26.66
CA LEU A 165 13.39 4.28 27.81
C LEU A 165 12.39 3.54 28.74
N LYS A 166 11.35 4.25 29.18
CA LYS A 166 10.29 3.67 30.03
C LYS A 166 8.90 3.72 29.41
N GLU A 167 8.07 2.73 29.74
CA GLU A 167 6.74 2.60 29.17
C GLU A 167 5.82 1.78 30.06
N GLN A 174 3.26 3.06 33.94
CA GLN A 174 3.06 2.38 32.65
C GLN A 174 2.61 3.35 31.55
N GLN A 175 3.00 3.03 30.32
CA GLN A 175 2.65 3.85 29.17
C GLN A 175 1.23 3.59 28.68
N ASP A 176 0.40 4.63 28.74
CA ASP A 176 -1.03 4.48 28.45
C ASP A 176 -1.49 5.46 27.38
N LEU A 177 -0.66 6.44 27.04
CA LEU A 177 -1.03 7.42 26.00
C LEU A 177 -1.51 6.69 24.74
N TYR A 178 -2.84 6.55 24.62
CA TYR A 178 -3.50 5.68 23.64
C TYR A 178 -4.99 5.52 23.97
N LEU A 179 -5.82 6.39 23.40
CA LEU A 179 -7.27 6.50 23.70
C LEU A 179 -8.14 5.23 23.78
N SER A 180 -9.27 5.38 24.45
CA SER A 180 -10.16 4.24 24.72
C SER A 180 -11.60 4.71 24.99
N PHE A 181 -12.57 4.03 24.36
CA PHE A 181 -13.98 4.47 24.42
C PHE A 181 -14.93 3.30 24.61
N THR A 182 -16.22 3.61 24.80
CA THR A 182 -17.29 2.61 24.76
C THR A 182 -18.56 3.17 24.13
N CYS A 183 -19.43 2.27 23.71
CA CYS A 183 -20.70 2.64 23.13
C CYS A 183 -21.55 1.37 23.18
N PRO A 184 -22.87 1.51 22.94
CA PRO A 184 -23.79 0.36 22.94
C PRO A 184 -23.46 -0.68 21.89
N ARG A 185 -23.51 -1.97 22.23
CA ARG A 185 -23.23 -3.02 21.26
C ARG A 185 -24.11 -2.95 20.02
N GLU A 186 -25.32 -2.42 20.15
CA GLU A 186 -26.17 -2.23 18.98
C GLU A 186 -26.38 -0.76 18.67
N ILE A 187 -25.75 -0.29 17.60
CA ILE A 187 -25.93 1.09 17.18
C ILE A 187 -26.49 1.19 15.78
N LEU A 188 -26.74 2.44 15.38
CA LEU A 188 -27.15 2.76 14.02
C LEU A 188 -26.01 2.41 13.08
N THR A 189 -26.30 1.53 12.11
CA THR A 189 -25.31 1.05 11.17
C THR A 189 -25.60 1.59 9.78
N LYS A 190 -24.64 2.31 9.21
CA LYS A 190 -24.81 2.87 7.87
C LYS A 190 -23.86 2.17 6.89
N ILE A 191 -24.29 2.00 5.65
CA ILE A 191 -23.38 1.54 4.60
C ILE A 191 -23.48 2.45 3.41
N CYS A 192 -22.33 2.94 2.97
CA CYS A 192 -22.28 3.89 1.87
C CYS A 192 -21.29 3.41 0.83
N LEU A 193 -21.68 3.50 -0.44
CA LEU A 193 -20.78 3.19 -1.53
C LEU A 193 -21.18 3.92 -2.81
N PHE A 194 -20.19 4.16 -3.69
CA PHE A 194 -20.39 4.88 -4.95
C PHE A 194 -19.96 4.03 -6.13
N THR A 195 -20.90 3.41 -6.84
CA THR A 195 -20.45 2.58 -7.95
C THR A 195 -19.88 3.38 -9.12
N ARG A 196 -18.78 2.87 -9.68
CA ARG A 196 -18.06 3.53 -10.75
C ARG A 196 -17.07 2.52 -11.34
N PRO A 197 -17.45 1.84 -12.43
CA PRO A 197 -16.53 0.81 -12.92
C PRO A 197 -15.29 1.46 -13.44
N ALA A 198 -14.21 0.69 -13.46
CA ALA A 198 -12.95 1.16 -13.98
C ALA A 198 -12.17 -0.10 -14.35
N SER A 199 -11.16 0.06 -15.19
CA SER A 199 -10.43 -1.10 -15.70
C SER A 199 -9.81 -1.89 -14.54
N GLN A 200 -9.35 -1.18 -13.51
CA GLN A 200 -8.80 -1.81 -12.32
C GLN A 200 -8.71 -0.79 -11.18
N TYR A 201 -8.74 -1.29 -9.95
CA TYR A 201 -8.64 -0.42 -8.79
C TYR A 201 -7.49 -0.82 -7.88
N LEU A 202 -7.27 -2.12 -7.75
CA LEU A 202 -6.26 -2.61 -6.80
C LEU A 202 -5.22 -3.51 -7.45
N PHE A 203 -5.43 -3.86 -8.71
CA PHE A 203 -4.49 -4.70 -9.45
C PHE A 203 -4.04 -3.98 -10.69
N PRO A 204 -2.93 -3.23 -10.57
CA PRO A 204 -2.49 -2.42 -11.71
C PRO A 204 -2.27 -3.22 -12.99
N ASP A 205 -2.76 -2.68 -14.11
CA ASP A 205 -2.56 -3.28 -15.43
C ASP A 205 -3.32 -4.57 -15.70
N SER A 206 -3.94 -5.15 -14.68
CA SER A 206 -4.70 -6.38 -14.85
C SER A 206 -5.70 -6.32 -16.02
N SER A 207 -6.11 -5.12 -16.41
CA SER A 207 -7.06 -4.92 -17.51
C SER A 207 -6.50 -5.44 -18.83
N LYS A 208 -5.17 -5.58 -18.89
CA LYS A 208 -4.48 -6.11 -20.05
C LYS A 208 -4.61 -7.63 -20.14
N ASN A 209 -5.02 -8.26 -19.04
CA ASN A 209 -5.38 -9.68 -19.01
C ASN A 209 -6.72 -9.98 -19.70
N SER A 210 -6.72 -10.93 -20.63
CA SER A 210 -7.92 -11.28 -21.41
C SER A 210 -9.01 -11.91 -20.56
N LYS A 211 -8.61 -12.75 -19.59
CA LYS A 211 -9.56 -13.50 -18.79
C LYS A 211 -10.23 -12.67 -17.70
N LYS A 212 -9.93 -11.38 -17.64
CA LYS A 212 -10.55 -10.55 -16.60
C LYS A 212 -11.85 -9.93 -17.07
N HIS A 213 -12.90 -10.22 -16.31
CA HIS A 213 -14.25 -9.73 -16.56
C HIS A 213 -14.50 -8.36 -15.94
N ILE A 214 -14.74 -7.35 -16.79
CA ILE A 214 -15.07 -6.01 -16.34
C ILE A 214 -16.58 -5.77 -16.46
N LEU A 215 -17.25 -5.42 -15.36
CA LEU A 215 -18.64 -4.97 -15.44
C LEU A 215 -18.69 -3.53 -15.97
N ASN A 216 -19.74 -3.19 -16.74
CA ASN A 216 -19.95 -1.78 -17.10
C ASN A 216 -20.82 -1.08 -16.09
N GLY A 217 -21.03 0.22 -16.27
CA GLY A 217 -21.79 1.00 -15.32
C GLY A 217 -23.12 0.41 -14.86
N GLU A 218 -23.94 0.01 -15.82
CA GLU A 218 -25.25 -0.50 -15.45
C GLU A 218 -25.12 -1.91 -14.86
N GLU A 219 -24.16 -2.68 -15.37
CA GLU A 219 -23.92 -4.02 -14.84
C GLU A 219 -23.42 -4.00 -13.38
N LEU A 220 -22.48 -3.09 -13.10
CA LEU A 220 -21.96 -2.88 -11.75
C LEU A 220 -23.03 -2.45 -10.74
N MET A 221 -23.76 -1.39 -11.07
CA MET A 221 -24.85 -0.95 -10.21
C MET A 221 -25.77 -2.10 -9.79
N LYS A 222 -26.17 -2.95 -10.72
CA LYS A 222 -27.08 -4.04 -10.37
C LYS A 222 -26.33 -5.01 -9.47
N TRP A 223 -25.08 -5.29 -9.84
CA TRP A 223 -24.21 -6.18 -9.06
C TRP A 223 -24.18 -5.76 -7.60
N TRP A 224 -23.82 -4.52 -7.34
CA TRP A 224 -23.79 -4.01 -5.97
C TRP A 224 -25.16 -3.99 -5.34
N GLY A 225 -26.16 -3.63 -6.14
CA GLY A 225 -27.51 -3.44 -5.62
C GLY A 225 -28.04 -4.75 -5.08
N PHE A 226 -27.58 -5.85 -5.69
CA PHE A 226 -28.05 -7.19 -5.29
C PHE A 226 -27.42 -7.59 -3.97
N ILE A 227 -26.14 -7.26 -3.79
CA ILE A 227 -25.42 -7.57 -2.58
C ILE A 227 -26.00 -6.83 -1.41
N LEU A 228 -26.27 -5.54 -1.58
CA LEU A 228 -26.87 -4.79 -0.50
C LEU A 228 -28.26 -5.29 -0.20
N ASP A 229 -28.98 -5.68 -1.24
CA ASP A 229 -30.32 -6.25 -1.09
C ASP A 229 -30.24 -7.45 -0.15
N ARG A 230 -29.32 -8.36 -0.46
CA ARG A 230 -29.12 -9.53 0.38
C ARG A 230 -28.80 -9.11 1.82
N LEU A 231 -28.02 -8.05 1.99
CA LEU A 231 -27.62 -7.65 3.33
C LEU A 231 -28.77 -6.98 4.06
N LEU A 232 -29.59 -6.27 3.29
CA LEU A 232 -30.78 -5.63 3.83
C LEU A 232 -31.75 -6.67 4.40
N ILE A 233 -32.01 -7.71 3.62
CA ILE A 233 -32.92 -8.75 4.03
C ILE A 233 -32.41 -9.55 5.21
N GLU A 234 -31.20 -10.09 5.04
CA GLU A 234 -30.58 -11.01 5.98
C GLU A 234 -29.93 -10.39 7.19
N CYS A 235 -29.50 -9.13 7.09
CA CYS A 235 -28.67 -8.57 8.15
C CYS A 235 -29.22 -7.33 8.85
N PHE A 236 -30.32 -6.77 8.31
CA PHE A 236 -30.89 -5.56 8.86
C PHE A 236 -32.36 -5.77 9.23
N GLN A 237 -32.97 -4.74 9.82
CA GLN A 237 -34.34 -4.81 10.28
C GLN A 237 -35.30 -4.30 9.21
N ASN A 238 -36.54 -4.78 9.26
CA ASN A 238 -37.49 -4.53 8.18
C ASN A 238 -37.89 -3.07 7.98
N ASP A 239 -37.36 -2.18 8.82
CA ASP A 239 -37.64 -0.76 8.65
C ASP A 239 -36.41 0.04 8.27
N THR A 240 -35.36 -0.69 7.89
CA THR A 240 -34.12 -0.08 7.51
C THR A 240 -34.31 0.82 6.30
N GLN A 241 -33.50 1.87 6.24
CA GLN A 241 -33.54 2.88 5.19
C GLN A 241 -32.56 2.51 4.06
N ALA A 242 -33.08 2.33 2.84
CA ALA A 242 -32.24 1.98 1.70
C ALA A 242 -32.50 2.94 0.58
N LYS A 243 -31.45 3.67 0.21
CA LYS A 243 -31.61 4.73 -0.74
C LYS A 243 -30.73 4.45 -1.93
N LEU A 244 -31.25 4.74 -3.12
CA LEU A 244 -30.49 4.67 -4.36
C LEU A 244 -30.57 5.99 -5.10
N ARG A 245 -29.48 6.33 -5.77
CA ARG A 245 -29.39 7.60 -6.45
C ARG A 245 -28.52 7.36 -7.68
N ILE A 246 -29.03 7.69 -8.87
CA ILE A 246 -28.25 7.50 -10.09
C ILE A 246 -28.02 8.81 -10.80
N PRO A 247 -26.90 9.47 -10.52
CA PRO A 247 -26.63 10.78 -11.10
C PRO A 247 -26.87 10.77 -12.60
N GLY A 248 -27.66 11.73 -13.07
CA GLY A 248 -27.99 11.85 -14.48
C GLY A 248 -29.23 11.09 -14.91
N GLU A 249 -30.05 10.70 -13.95
CA GLU A 249 -31.19 9.85 -14.28
C GLU A 249 -32.46 10.39 -13.62
N ASP A 250 -33.58 9.88 -14.10
CA ASP A 250 -34.91 10.31 -13.71
C ASP A 250 -35.41 9.51 -12.51
N PRO A 251 -35.98 10.19 -11.51
CA PRO A 251 -36.59 9.49 -10.38
C PRO A 251 -37.55 8.37 -10.81
N ALA A 252 -38.21 8.53 -11.96
CA ALA A 252 -39.02 7.45 -12.50
C ALA A 252 -38.11 6.30 -12.91
N ARG A 253 -36.99 6.64 -13.54
CA ARG A 253 -35.99 5.69 -14.00
C ARG A 253 -35.42 4.85 -12.88
N VAL A 254 -35.04 5.50 -11.78
CA VAL A 254 -34.46 4.75 -10.67
C VAL A 254 -35.51 3.85 -10.06
N ARG A 255 -36.72 4.38 -9.87
CA ARG A 255 -37.81 3.60 -9.29
C ARG A 255 -38.02 2.29 -10.05
N SER A 256 -37.77 2.30 -11.35
CA SER A 256 -37.78 1.08 -12.18
C SER A 256 -36.70 0.04 -11.80
N TYR A 257 -35.44 0.45 -11.63
CA TYR A 257 -34.44 -0.50 -11.12
C TYR A 257 -34.91 -1.02 -9.77
N LEU A 258 -35.43 -0.13 -8.93
CA LEU A 258 -35.77 -0.52 -7.57
C LEU A 258 -36.86 -1.59 -7.56
N ARG A 259 -37.72 -1.57 -8.57
CA ARG A 259 -38.75 -2.61 -8.68
C ARG A 259 -38.08 -3.97 -8.85
N GLY A 260 -36.80 -3.97 -9.20
CA GLY A 260 -36.02 -5.20 -9.26
C GLY A 260 -35.67 -5.73 -7.89
N MET A 261 -35.41 -4.84 -6.94
CA MET A 261 -34.97 -5.21 -5.61
C MET A 261 -36.01 -6.06 -4.89
N LYS A 262 -35.53 -6.98 -4.05
CA LYS A 262 -36.39 -7.81 -3.24
C LYS A 262 -36.72 -7.13 -1.92
N TYR A 263 -35.85 -6.25 -1.45
CA TYR A 263 -36.17 -5.48 -0.25
C TYR A 263 -37.23 -4.39 -0.55
N PRO A 264 -38.22 -4.29 0.34
CA PRO A 264 -39.42 -3.47 0.09
C PRO A 264 -39.22 -1.95 0.28
N LEU A 265 -38.30 -1.55 1.16
CA LEU A 265 -38.18 -0.13 1.50
C LEU A 265 -37.21 0.73 0.67
N TRP A 266 -36.52 0.15 -0.31
CA TRP A 266 -35.70 0.94 -1.23
C TRP A 266 -36.51 2.13 -1.76
N GLN A 267 -35.95 3.33 -1.60
CA GLN A 267 -36.54 4.55 -2.15
C GLN A 267 -35.45 5.30 -2.90
N VAL A 268 -35.85 6.32 -3.65
CA VAL A 268 -34.92 7.16 -4.36
C VAL A 268 -34.40 8.17 -3.35
N GLY A 269 -33.15 8.59 -3.52
CA GLY A 269 -32.55 9.57 -2.63
C GLY A 269 -31.26 9.04 -2.05
N ASP A 270 -30.92 9.58 -0.89
CA ASP A 270 -29.75 9.14 -0.15
C ASP A 270 -30.11 9.18 1.31
N ILE A 271 -29.16 8.80 2.16
CA ILE A 271 -29.38 8.78 3.60
C ILE A 271 -28.81 10.01 4.32
N PHE A 272 -28.69 11.11 3.58
CA PHE A 272 -28.08 12.31 4.12
C PHE A 272 -29.12 13.38 4.31
N THR A 273 -30.33 13.10 3.81
CA THR A 273 -31.40 14.09 3.70
C THR A 273 -31.42 15.16 4.79
N SER A 274 -31.90 14.82 5.98
CA SER A 274 -31.87 15.76 7.11
C SER A 274 -32.33 17.19 6.76
N LYS A 275 -33.54 17.57 7.15
CA LYS A 275 -34.00 18.95 6.90
C LYS A 275 -33.25 19.95 7.79
N GLU A 276 -32.61 19.45 8.84
CA GLU A 276 -31.71 20.24 9.69
C GLU A 276 -30.40 20.59 8.95
N ASN A 277 -30.13 21.87 8.82
CA ASN A 277 -29.00 22.36 8.03
C ASN A 277 -29.08 21.85 6.58
N SER A 278 -29.92 22.51 5.79
CA SER A 278 -30.13 22.13 4.40
C SER A 278 -29.04 22.75 3.54
N LEU A 279 -27.79 22.36 3.80
CA LEU A 279 -26.64 22.92 3.08
C LEU A 279 -25.60 21.83 2.85
N ALA A 280 -25.19 21.68 1.59
CA ALA A 280 -24.44 20.50 1.14
C ALA A 280 -23.32 20.11 2.08
N VAL A 281 -22.37 21.03 2.24
CA VAL A 281 -21.16 20.79 3.02
C VAL A 281 -21.39 20.25 4.44
N TYR A 282 -22.50 20.60 5.07
CA TYR A 282 -22.75 20.14 6.46
C TYR A 282 -23.49 18.83 6.50
N ASN A 283 -23.74 18.24 5.32
CA ASN A 283 -24.40 16.95 5.22
C ASN A 283 -23.59 15.85 4.55
N ILE A 284 -22.87 16.20 3.48
CA ILE A 284 -22.13 15.23 2.68
C ILE A 284 -20.90 14.66 3.41
N PRO A 285 -20.86 13.32 3.54
CA PRO A 285 -19.72 12.63 4.16
C PRO A 285 -18.52 12.73 3.24
N LEU A 286 -17.32 12.83 3.79
CA LEU A 286 -16.11 12.88 2.98
C LEU A 286 -15.25 11.62 3.14
N PHE A 287 -15.28 10.72 2.14
CA PHE A 287 -14.47 9.49 2.19
C PHE A 287 -13.24 9.55 1.28
N PRO A 288 -12.29 8.63 1.49
CA PRO A 288 -11.12 8.53 0.60
C PRO A 288 -11.51 8.37 -0.87
N ASP A 289 -10.87 9.13 -1.74
CA ASP A 289 -11.01 8.92 -3.18
C ASP A 289 -12.48 8.90 -3.63
N ASP A 290 -13.37 9.53 -2.87
CA ASP A 290 -14.78 9.53 -3.25
C ASP A 290 -15.18 10.74 -4.08
N PRO A 291 -16.04 10.54 -5.09
CA PRO A 291 -16.49 11.69 -5.90
C PRO A 291 -17.21 12.73 -5.04
OH ALY A 292 -20.49 7.33 -0.82
CH ALY A 292 -21.20 8.32 -0.74
CH3 ALY A 292 -22.65 8.22 -0.36
NZ ALY A 292 -20.71 9.54 -1.02
CE ALY A 292 -21.43 10.75 -0.64
CD ALY A 292 -21.80 11.68 -1.80
CG ALY A 292 -20.63 11.90 -2.76
CB ALY A 292 -19.49 12.66 -2.10
CA ALY A 292 -18.60 13.30 -3.15
N ALY A 292 -17.89 12.32 -3.98
C ALY A 292 -17.58 14.21 -2.53
O ALY A 292 -17.69 15.41 -2.63
N ALA A 293 -16.58 13.64 -1.87
CA ALA A 293 -15.49 14.44 -1.34
C ALA A 293 -14.89 15.31 -2.44
N ARG A 294 -14.64 14.71 -3.60
CA ARG A 294 -14.06 15.42 -4.72
C ARG A 294 -14.81 16.72 -4.96
N PHE A 295 -16.05 16.62 -5.42
CA PHE A 295 -16.87 17.78 -5.72
C PHE A 295 -16.98 18.81 -4.58
N ILE A 296 -16.85 18.36 -3.34
CA ILE A 296 -16.92 19.28 -2.21
C ILE A 296 -15.66 20.14 -2.15
N HIS A 297 -14.50 19.47 -2.19
CA HIS A 297 -13.23 20.16 -2.16
C HIS A 297 -13.08 21.06 -3.38
N GLN A 298 -13.81 20.73 -4.46
CA GLN A 298 -13.80 21.58 -5.66
C GLN A 298 -14.44 22.92 -5.33
N LEU A 299 -15.53 22.87 -4.57
CA LEU A 299 -16.22 24.08 -4.15
C LEU A 299 -15.44 24.88 -3.11
N ALA A 300 -14.69 24.19 -2.24
CA ALA A 300 -13.85 24.89 -1.26
C ALA A 300 -12.89 25.88 -1.91
N GLU A 301 -12.20 25.43 -2.97
CA GLU A 301 -11.35 26.29 -3.77
C GLU A 301 -12.14 27.42 -4.43
N GLU A 302 -13.09 27.05 -5.32
CA GLU A 302 -13.88 28.04 -6.04
C GLU A 302 -14.92 28.71 -5.10
N ASP A 303 -14.78 28.49 -3.80
CA ASP A 303 -15.55 29.23 -2.78
C ASP A 303 -17.03 29.30 -3.06
N ARG A 304 -17.74 28.22 -2.75
CA ARG A 304 -19.19 28.14 -2.93
C ARG A 304 -19.77 27.21 -1.92
N LEU A 305 -18.93 26.69 -1.04
CA LEU A 305 -19.34 25.66 -0.10
C LEU A 305 -20.58 26.08 0.69
N LEU A 306 -20.62 27.35 1.08
CA LEU A 306 -21.73 27.87 1.87
C LEU A 306 -22.85 28.43 1.00
N LYS A 307 -22.89 27.99 -0.27
CA LYS A 307 -23.87 28.50 -1.21
C LYS A 307 -24.61 27.37 -1.94
N VAL A 308 -24.06 26.17 -1.90
CA VAL A 308 -24.71 25.02 -2.53
C VAL A 308 -25.50 24.20 -1.51
N SER A 309 -26.82 24.24 -1.66
CA SER A 309 -27.72 23.45 -0.82
C SER A 309 -27.54 21.98 -1.16
N LEU A 310 -28.02 21.12 -0.28
CA LEU A 310 -27.88 19.69 -0.50
C LEU A 310 -28.57 19.33 -1.81
N SER A 311 -29.74 19.93 -2.02
CA SER A 311 -30.53 19.64 -3.19
C SER A 311 -29.75 19.96 -4.45
N SER A 312 -29.13 21.15 -4.47
CA SER A 312 -28.37 21.62 -5.63
C SER A 312 -27.14 20.75 -5.89
N PHE A 313 -26.45 20.38 -4.81
CA PHE A 313 -25.28 19.54 -4.88
C PHE A 313 -25.51 18.40 -5.87
N TRP A 314 -26.59 17.63 -5.68
CA TRP A 314 -26.85 16.49 -6.54
C TRP A 314 -27.07 16.91 -7.98
N ILE A 315 -27.75 18.04 -8.15
CA ILE A 315 -28.08 18.48 -9.51
C ILE A 315 -26.82 18.96 -10.22
N GLU A 316 -25.96 19.67 -9.49
CA GLU A 316 -24.70 20.12 -10.06
C GLU A 316 -23.68 19.00 -10.24
N LEU A 317 -23.61 18.09 -9.28
CA LEU A 317 -22.71 16.94 -9.40
C LEU A 317 -22.83 16.31 -10.77
N GLN A 318 -24.07 16.21 -11.26
CA GLN A 318 -24.35 15.53 -12.51
C GLN A 318 -23.61 16.19 -13.66
N GLU A 319 -23.50 17.51 -13.61
CA GLU A 319 -22.84 18.28 -14.65
C GLU A 319 -21.33 18.22 -14.45
N ARG A 320 -20.62 19.25 -14.89
CA ARG A 320 -19.16 19.29 -14.79
C ARG A 320 -18.55 17.95 -15.18
N GLN A 321 -18.68 17.58 -16.46
CA GLN A 321 -18.10 16.35 -16.99
C GLN A 321 -18.18 15.25 -15.95
N GLU A 322 -17.07 14.52 -15.80
CA GLU A 322 -16.95 13.46 -14.81
C GLU A 322 -18.11 12.50 -14.94
N PHE A 323 -19.28 12.93 -14.49
CA PHE A 323 -20.49 12.14 -14.61
C PHE A 323 -21.11 12.26 -15.99
N LYS A 324 -20.94 13.44 -16.56
CA LYS A 324 -21.52 13.80 -17.84
C LYS A 324 -20.92 13.00 -18.98
N LEU A 325 -19.68 12.57 -18.82
CA LEU A 325 -18.97 11.88 -19.87
C LEU A 325 -18.45 10.55 -19.36
N SER A 326 -19.13 10.00 -18.36
CA SER A 326 -18.80 8.65 -17.91
C SER A 326 -20.03 7.74 -17.73
N VAL A 327 -19.76 6.43 -17.75
CA VAL A 327 -20.80 5.44 -17.70
C VAL A 327 -21.60 5.50 -16.38
N THR A 328 -22.69 4.73 -16.34
CA THR A 328 -23.59 4.74 -15.22
C THR A 328 -22.90 4.57 -13.85
N SER A 329 -23.12 5.53 -12.97
CA SER A 329 -22.69 5.44 -11.58
C SER A 329 -23.89 5.63 -10.65
N SER A 330 -23.84 4.97 -9.50
CA SER A 330 -24.92 5.07 -8.51
C SER A 330 -24.38 5.36 -7.11
N VAL A 331 -25.17 6.06 -6.32
CA VAL A 331 -24.86 6.23 -4.91
C VAL A 331 -25.82 5.38 -4.08
N MET A 332 -25.27 4.35 -3.43
CA MET A 332 -26.07 3.57 -2.49
C MET A 332 -25.86 3.93 -1.02
N GLY A 333 -26.95 3.87 -0.28
CA GLY A 333 -26.91 4.30 1.10
C GLY A 333 -27.85 3.47 1.92
N ILE A 334 -27.38 3.03 3.08
CA ILE A 334 -28.17 2.24 3.99
C ILE A 334 -28.07 2.83 5.40
N SER A 335 -29.14 2.72 6.17
CA SER A 335 -29.20 3.32 7.51
C SER A 335 -30.34 2.73 8.33
N GLY A 336 -30.00 1.84 9.27
CA GLY A 336 -30.98 1.20 10.13
C GLY A 336 -30.23 0.43 11.21
N TYR A 337 -30.90 -0.54 11.84
CA TYR A 337 -30.26 -1.38 12.85
C TYR A 337 -30.20 -2.83 12.38
N SER A 338 -29.14 -3.55 12.76
CA SER A 338 -28.97 -4.93 12.31
C SER A 338 -29.85 -5.90 13.10
N LEU A 339 -30.28 -6.98 12.45
CA LEU A 339 -31.11 -7.97 13.11
C LEU A 339 -30.44 -8.41 14.40
N ALA A 340 -29.30 -9.06 14.24
CA ALA A 340 -28.56 -9.56 15.37
C ALA A 340 -27.73 -8.43 15.94
N THR A 341 -27.47 -8.47 17.25
CA THR A 341 -26.62 -7.48 17.87
C THR A 341 -25.19 -7.77 17.46
N PRO A 342 -24.54 -6.81 16.80
CA PRO A 342 -23.16 -6.98 16.35
C PRO A 342 -22.24 -7.06 17.56
N SER A 343 -21.61 -8.21 17.78
CA SER A 343 -20.77 -8.36 18.95
C SER A 343 -19.72 -9.42 18.71
N LEU A 344 -18.61 -9.04 18.06
CA LEU A 344 -17.64 -10.02 17.65
C LEU A 344 -16.25 -9.46 17.47
N PHE A 345 -15.48 -9.41 18.56
CA PHE A 345 -14.06 -9.07 18.50
C PHE A 345 -13.26 -10.10 17.67
N PRO A 346 -12.89 -9.75 16.44
CA PRO A 346 -12.19 -10.70 15.58
C PRO A 346 -10.86 -11.27 16.15
N SER A 347 -10.69 -12.56 15.92
CA SER A 347 -9.54 -13.29 16.41
C SER A 347 -8.28 -13.03 15.59
N SER A 348 -7.14 -13.39 16.15
CA SER A 348 -5.86 -13.23 15.48
C SER A 348 -5.92 -13.82 14.08
N ALA A 349 -6.85 -14.76 13.86
CA ALA A 349 -7.02 -15.39 12.55
C ALA A 349 -8.06 -14.68 11.66
N ASP A 350 -8.95 -13.92 12.27
CA ASP A 350 -9.85 -13.06 11.51
C ASP A 350 -9.12 -11.85 10.93
N VAL A 351 -8.14 -11.31 11.65
CA VAL A 351 -7.40 -10.13 11.18
C VAL A 351 -5.91 -10.11 11.52
N ILE A 352 -5.17 -9.34 10.72
CA ILE A 352 -3.76 -9.13 10.95
C ILE A 352 -3.54 -7.62 11.05
N VAL A 353 -3.13 -7.16 12.22
CA VAL A 353 -3.01 -5.74 12.49
C VAL A 353 -1.54 -5.31 12.55
N PRO A 354 -0.97 -4.88 11.41
CA PRO A 354 0.43 -4.45 11.38
C PRO A 354 0.77 -3.49 12.52
N LYS A 355 2.03 -3.52 12.95
CA LYS A 355 2.55 -2.69 14.04
C LYS A 355 2.43 -1.20 13.75
N SER A 356 2.43 -0.83 12.47
CA SER A 356 2.43 0.59 12.09
C SER A 356 1.87 0.81 10.68
N ARG A 357 1.52 2.06 10.39
CA ARG A 357 1.13 2.45 9.04
C ARG A 357 2.18 1.97 8.06
N LYS A 358 3.44 2.03 8.47
CA LYS A 358 4.55 1.72 7.57
C LYS A 358 4.51 0.26 7.15
N GLN A 359 4.34 -0.64 8.12
CA GLN A 359 4.24 -2.06 7.79
C GLN A 359 2.94 -2.36 7.03
N PHE A 360 1.85 -1.71 7.42
CA PHE A 360 0.56 -1.88 6.73
C PHE A 360 0.73 -1.58 5.25
N ARG A 361 1.24 -0.39 4.94
CA ARG A 361 1.50 -0.01 3.56
C ARG A 361 2.35 -1.03 2.81
N ALA A 362 3.37 -1.52 3.49
CA ALA A 362 4.38 -2.35 2.85
C ALA A 362 3.82 -3.70 2.42
N ILE A 363 2.95 -4.27 3.25
CA ILE A 363 2.33 -5.56 2.95
C ILE A 363 1.29 -5.37 1.85
N LYS A 364 0.56 -4.26 1.95
CA LYS A 364 -0.44 -3.96 0.96
C LYS A 364 0.24 -3.82 -0.40
N LYS A 365 1.34 -3.08 -0.44
CA LYS A 365 2.06 -2.81 -1.69
C LYS A 365 2.52 -4.06 -2.42
N TYR A 366 2.75 -5.13 -1.69
CA TYR A 366 3.10 -6.38 -2.36
C TYR A 366 2.00 -6.79 -3.35
N ILE A 367 0.79 -6.29 -3.13
CA ILE A 367 -0.39 -6.67 -3.92
C ILE A 367 -0.86 -5.56 -4.89
N THR A 368 -1.23 -4.41 -4.33
CA THR A 368 -1.70 -3.29 -5.11
C THR A 368 -0.56 -2.60 -5.84
N GLY A 369 0.65 -3.06 -5.59
CA GLY A 369 1.80 -2.42 -6.20
C GLY A 369 2.38 -3.23 -7.34
N GLU A 370 1.94 -4.47 -7.48
CA GLU A 370 2.47 -5.35 -8.52
C GLU A 370 1.94 -4.90 -9.90
N GLU A 371 2.40 -5.60 -10.95
CA GLU A 371 1.93 -5.40 -12.33
C GLU A 371 1.28 -6.70 -12.71
N TYR A 372 0.01 -6.63 -13.12
CA TYR A 372 -0.80 -7.82 -13.35
C TYR A 372 -1.13 -8.09 -14.81
N ASP A 373 -0.37 -7.48 -15.72
CA ASP A 373 -0.57 -7.73 -17.14
C ASP A 373 -0.12 -9.13 -17.53
N THR A 374 0.25 -9.94 -16.54
CA THR A 374 0.64 -11.34 -16.73
C THR A 374 0.49 -12.09 -15.43
N GLU A 375 0.36 -13.40 -15.51
CA GLU A 375 0.24 -14.24 -14.33
C GLU A 375 1.41 -14.02 -13.36
N GLU A 376 2.55 -13.52 -13.84
CA GLU A 376 3.74 -13.36 -13.00
C GLU A 376 3.44 -12.52 -11.76
N GLY A 377 2.88 -11.34 -11.99
CA GLY A 377 2.57 -10.43 -10.91
C GLY A 377 1.72 -11.05 -9.82
N ALA A 378 0.72 -11.85 -10.21
CA ALA A 378 -0.24 -12.39 -9.26
C ALA A 378 0.36 -13.50 -8.42
N ILE A 379 1.34 -14.19 -8.99
CA ILE A 379 2.10 -15.23 -8.29
C ILE A 379 3.11 -14.57 -7.34
N GLU A 380 3.73 -13.51 -7.83
CA GLU A 380 4.67 -12.74 -7.06
C GLU A 380 3.97 -12.19 -5.83
N ALA A 381 2.78 -11.62 -6.04
CA ALA A 381 2.00 -11.07 -4.93
C ALA A 381 1.77 -12.10 -3.86
N PHE A 382 1.36 -13.30 -4.24
CA PHE A 382 1.17 -14.37 -3.27
C PHE A 382 2.43 -14.74 -2.45
N THR A 383 3.53 -15.02 -3.14
CA THR A 383 4.71 -15.51 -2.43
C THR A 383 5.25 -14.44 -1.48
N ASN A 384 5.52 -13.26 -2.03
CA ASN A 384 5.90 -12.12 -1.23
C ASN A 384 5.00 -11.84 -0.04
N ILE A 385 3.72 -12.10 -0.17
CA ILE A 385 2.86 -11.85 0.96
C ILE A 385 3.03 -12.91 2.04
N ARG A 386 3.21 -14.17 1.68
CA ARG A 386 3.40 -15.19 2.73
C ARG A 386 4.83 -15.14 3.30
N ASP A 387 5.83 -15.16 2.41
CA ASP A 387 7.21 -15.03 2.84
C ASP A 387 7.35 -13.92 3.88
N PHE A 388 6.71 -12.78 3.63
CA PHE A 388 6.85 -11.63 4.50
C PHE A 388 6.16 -11.86 5.83
N LEU A 389 4.91 -12.30 5.78
CA LEU A 389 4.18 -12.57 7.00
C LEU A 389 4.96 -13.52 7.91
N LEU A 390 5.45 -14.60 7.31
CA LEU A 390 6.23 -15.59 8.03
C LEU A 390 7.52 -15.01 8.57
N LEU A 391 8.28 -14.34 7.70
CA LEU A 391 9.55 -13.78 8.09
C LEU A 391 9.43 -12.67 9.13
N ARG A 392 8.72 -11.60 8.80
CA ARG A 392 8.73 -10.41 9.66
C ARG A 392 7.60 -10.36 10.66
N MET A 393 6.64 -11.26 10.56
CA MET A 393 5.48 -11.16 11.43
C MET A 393 5.11 -12.48 12.08
N ALA A 394 5.82 -13.53 11.70
CA ALA A 394 5.58 -14.84 12.29
C ALA A 394 4.13 -15.28 12.14
N THR A 395 3.54 -15.02 10.98
CA THR A 395 2.21 -15.56 10.69
C THR A 395 2.14 -16.12 9.28
N ASN A 396 0.92 -16.40 8.85
CA ASN A 396 0.70 -17.03 7.57
C ASN A 396 -0.76 -16.93 7.19
N LEU A 397 -1.04 -16.72 5.91
CA LEU A 397 -2.40 -16.63 5.44
C LEU A 397 -3.26 -17.75 6.01
N GLN A 398 -4.56 -17.50 6.12
CA GLN A 398 -5.49 -18.57 6.49
C GLN A 398 -5.82 -19.46 5.30
N SER A 399 -5.88 -20.77 5.54
CA SER A 399 -6.32 -21.71 4.52
C SER A 399 -7.82 -22.01 4.64
N LEU A 400 -8.45 -22.27 3.50
CA LEU A 400 -9.89 -22.47 3.48
C LEU A 400 -10.27 -23.72 2.74
N THR A 401 -11.19 -24.47 3.32
CA THR A 401 -11.76 -25.58 2.62
C THR A 401 -13.16 -25.16 2.21
N GLY A 402 -13.33 -24.81 0.94
CA GLY A 402 -14.61 -24.36 0.43
C GLY A 402 -15.64 -25.43 0.71
N LYS A 403 -16.89 -25.03 0.89
CA LYS A 403 -17.92 -26.00 1.19
C LYS A 403 -19.28 -25.59 0.65
N ARG A 404 -19.31 -25.23 -0.63
CA ARG A 404 -20.57 -24.83 -1.25
C ARG A 404 -20.87 -25.69 -2.46
N GLU A 405 -21.99 -26.42 -2.39
CA GLU A 405 -22.39 -27.36 -3.43
C GLU A 405 -22.75 -26.64 -4.75
N HIS A 406 -22.44 -27.30 -5.87
CA HIS A 406 -22.63 -26.71 -7.20
C HIS A 406 -21.94 -25.35 -7.34
N ASN B 9 34.39 40.26 -40.79
CA ASN B 9 35.54 39.42 -40.46
C ASN B 9 35.83 39.31 -38.97
N GLU B 10 35.43 40.33 -38.19
CA GLU B 10 35.60 40.24 -36.74
C GLU B 10 34.56 39.27 -36.19
N HIS B 11 33.58 38.93 -37.02
CA HIS B 11 32.57 37.93 -36.67
C HIS B 11 33.12 36.51 -36.83
N ALA B 12 33.96 36.29 -37.83
CA ALA B 12 34.55 34.97 -37.99
C ALA B 12 35.42 34.67 -36.77
N LYS B 13 35.98 35.72 -36.18
CA LYS B 13 36.77 35.60 -34.96
C LYS B 13 35.93 35.21 -33.74
N ALA B 14 34.87 35.97 -33.48
CA ALA B 14 33.98 35.66 -32.37
C ALA B 14 33.48 34.21 -32.44
N PHE B 15 32.89 33.84 -33.57
CA PHE B 15 32.40 32.50 -33.78
C PHE B 15 33.48 31.44 -33.56
N LEU B 16 34.65 31.62 -34.13
CA LEU B 16 35.68 30.59 -34.00
C LEU B 16 36.03 30.39 -32.52
N GLY B 17 36.01 31.48 -31.75
CA GLY B 17 36.25 31.39 -30.32
C GLY B 17 35.15 30.65 -29.59
N LEU B 18 33.90 31.03 -29.82
CA LEU B 18 32.77 30.38 -29.17
C LEU B 18 32.83 28.87 -29.34
N ALA B 19 33.35 28.42 -30.47
CA ALA B 19 33.44 26.99 -30.71
C ALA B 19 34.43 26.37 -29.74
N LYS B 20 35.51 27.09 -29.45
CA LYS B 20 36.52 26.55 -28.53
C LYS B 20 35.88 26.30 -27.19
N CYS B 21 35.14 27.29 -26.68
CA CYS B 21 34.41 27.14 -25.42
C CYS B 21 33.49 25.93 -25.46
N GLU B 22 32.83 25.75 -26.59
CA GLU B 22 31.89 24.68 -26.77
C GLU B 22 32.55 23.30 -26.57
N GLU B 23 33.74 23.10 -27.13
CA GLU B 23 34.47 21.85 -26.93
C GLU B 23 35.14 21.83 -25.57
N GLU B 24 35.19 22.99 -24.93
CA GLU B 24 35.81 23.10 -23.61
C GLU B 24 34.86 22.70 -22.50
N VAL B 25 33.68 23.29 -22.48
CA VAL B 25 32.75 23.11 -21.35
C VAL B 25 32.52 21.64 -21.03
N ASP B 26 32.54 20.80 -22.05
CA ASP B 26 32.50 19.36 -21.83
C ASP B 26 33.62 18.92 -20.87
N ALA B 27 34.87 19.28 -21.18
CA ALA B 27 36.01 18.89 -20.34
C ALA B 27 36.07 19.68 -19.03
N ILE B 28 35.32 20.76 -18.95
CA ILE B 28 35.26 21.55 -17.73
C ILE B 28 34.38 20.87 -16.68
N GLU B 29 33.20 20.43 -17.11
CA GLU B 29 32.28 19.71 -16.25
C GLU B 29 32.94 18.49 -15.65
N ARG B 30 33.58 17.71 -16.51
CA ARG B 30 34.34 16.56 -16.05
C ARG B 30 35.20 16.96 -14.86
N GLU B 31 35.65 18.21 -14.84
CA GLU B 31 36.50 18.69 -13.75
C GLU B 31 35.73 19.04 -12.48
N VAL B 32 34.72 19.91 -12.60
CA VAL B 32 33.93 20.27 -11.43
C VAL B 32 33.37 19.02 -10.78
N GLU B 33 33.08 18.02 -11.59
CA GLU B 33 32.62 16.73 -11.08
C GLU B 33 33.69 15.96 -10.31
N LEU B 34 34.86 15.73 -10.93
CA LEU B 34 35.95 15.01 -10.27
C LEU B 34 36.37 15.68 -8.96
N TYR B 35 36.12 16.99 -8.87
CA TYR B 35 36.40 17.73 -7.66
C TYR B 35 35.52 17.21 -6.52
N ARG B 36 34.22 17.15 -6.79
CA ARG B 36 33.28 16.63 -5.83
C ARG B 36 33.66 15.20 -5.49
N LEU B 37 33.82 14.37 -6.53
CA LEU B 37 34.17 12.97 -6.34
C LEU B 37 35.29 12.83 -5.32
N ASN B 38 36.28 13.74 -5.40
CA ASN B 38 37.45 13.77 -4.52
C ASN B 38 37.20 14.32 -3.13
N LYS B 39 36.58 15.48 -3.07
CA LYS B 39 36.16 16.07 -1.80
C LYS B 39 35.40 15.04 -0.96
N MET B 40 34.55 14.24 -1.60
CA MET B 40 33.66 13.31 -0.88
C MET B 40 34.31 11.99 -0.47
N LYS B 41 35.36 11.57 -1.18
CA LYS B 41 35.97 10.27 -0.93
C LYS B 41 36.43 10.09 0.52
N PRO B 42 37.29 11.00 1.02
CA PRO B 42 37.74 10.87 2.40
C PRO B 42 36.60 11.05 3.39
N VAL B 43 35.60 11.83 3.01
CA VAL B 43 34.47 12.09 3.89
C VAL B 43 33.73 10.80 4.20
N TYR B 44 33.53 9.97 3.18
CA TYR B 44 32.93 8.65 3.32
C TYR B 44 33.87 7.69 4.04
N GLU B 45 35.18 7.88 3.87
CA GLU B 45 36.19 7.10 4.59
C GLU B 45 35.94 7.21 6.10
N LYS B 46 35.85 8.45 6.60
CA LYS B 46 35.63 8.72 8.01
C LYS B 46 34.31 8.10 8.42
N ARG B 47 33.23 8.69 7.90
CA ARG B 47 31.88 8.19 8.14
C ARG B 47 31.78 6.65 8.12
N ASP B 48 32.42 6.00 7.16
CA ASP B 48 32.35 4.53 7.11
C ASP B 48 33.02 3.90 8.34
N ALA B 49 34.20 4.39 8.71
CA ALA B 49 34.86 3.95 9.95
C ALA B 49 33.92 3.91 11.15
N TYR B 50 33.20 5.01 11.41
CA TYR B 50 32.20 5.01 12.47
C TYR B 50 31.16 3.93 12.21
N ILE B 51 30.54 3.97 11.03
CA ILE B 51 29.48 3.03 10.68
C ILE B 51 29.87 1.59 10.99
N ASP B 52 31.14 1.26 10.72
CA ASP B 52 31.63 -0.09 10.91
C ASP B 52 31.64 -0.48 12.37
N GLU B 53 31.60 0.53 13.24
CA GLU B 53 31.51 0.29 14.67
C GLU B 53 30.08 0.09 15.13
N ILE B 54 29.12 0.41 14.28
CA ILE B 54 27.72 0.29 14.68
C ILE B 54 27.10 -1.04 14.28
N ALA B 55 26.56 -1.71 15.29
CA ALA B 55 25.94 -3.00 15.09
C ALA B 55 24.69 -2.88 14.24
N GLU B 56 24.59 -3.75 13.25
CA GLU B 56 23.35 -3.91 12.51
C GLU B 56 23.05 -2.66 11.72
N PHE B 57 24.05 -1.79 11.55
CA PHE B 57 23.78 -0.55 10.87
C PHE B 57 23.09 -0.79 9.52
N TRP B 58 23.66 -1.61 8.64
CA TRP B 58 23.10 -1.76 7.30
C TRP B 58 21.82 -2.58 7.26
N LYS B 59 21.71 -3.60 8.11
CA LYS B 59 20.48 -4.37 8.21
C LYS B 59 19.32 -3.43 8.49
N ILE B 60 19.59 -2.46 9.36
CA ILE B 60 18.59 -1.49 9.76
C ILE B 60 18.28 -0.49 8.66
N VAL B 61 19.34 0.04 8.04
CA VAL B 61 19.12 0.98 6.96
C VAL B 61 18.28 0.36 5.84
N LEU B 62 18.60 -0.86 5.43
CA LEU B 62 17.92 -1.51 4.31
C LEU B 62 16.50 -2.01 4.59
N SER B 63 16.12 -2.12 5.85
CA SER B 63 14.72 -2.43 6.18
C SER B 63 13.94 -1.15 6.45
N GLN B 64 14.65 -0.07 6.74
CA GLN B 64 13.99 1.23 6.88
C GLN B 64 13.70 1.90 5.54
N HIS B 65 14.65 1.82 4.61
CA HIS B 65 14.50 2.47 3.30
C HIS B 65 13.26 1.94 2.65
N VAL B 66 12.30 2.80 2.36
CA VAL B 66 11.03 2.26 1.93
C VAL B 66 11.09 1.75 0.49
N SER B 67 11.68 2.52 -0.38
CA SER B 67 11.71 2.18 -1.80
C SER B 67 12.47 0.90 -2.13
N PHE B 68 13.53 0.62 -1.37
CA PHE B 68 14.38 -0.56 -1.63
C PHE B 68 13.61 -1.89 -1.61
N ALA B 69 12.72 -2.07 -0.64
CA ALA B 69 11.92 -3.29 -0.56
C ALA B 69 11.23 -3.68 -1.85
N ASN B 70 10.97 -2.70 -2.72
CA ASN B 70 10.09 -2.91 -3.87
C ASN B 70 10.73 -3.71 -4.98
N TYR B 71 12.05 -3.60 -5.05
CA TYR B 71 12.87 -4.20 -6.09
C TYR B 71 13.13 -5.70 -5.92
N ILE B 72 12.86 -6.23 -4.73
CA ILE B 72 13.29 -7.58 -4.37
C ILE B 72 12.26 -8.42 -3.65
N ARG B 73 12.46 -9.74 -3.69
CA ARG B 73 11.59 -10.69 -3.01
C ARG B 73 11.58 -10.46 -1.52
N ALA B 74 10.42 -10.64 -0.91
CA ALA B 74 10.31 -10.49 0.53
C ALA B 74 11.33 -11.40 1.21
N SER B 75 11.42 -12.63 0.71
CA SER B 75 12.31 -13.64 1.28
C SER B 75 13.79 -13.24 1.28
N ASP B 76 14.22 -12.44 0.31
CA ASP B 76 15.62 -12.01 0.26
C ASP B 76 16.05 -11.27 1.51
N PHE B 77 15.10 -10.88 2.34
CA PHE B 77 15.45 -10.08 3.49
C PHE B 77 16.21 -10.89 4.54
N LYS B 78 15.97 -12.19 4.54
CA LYS B 78 16.64 -13.09 5.47
C LYS B 78 18.14 -13.04 5.21
N TYR B 79 18.50 -12.81 3.96
CA TYR B 79 19.88 -12.75 3.56
C TYR B 79 20.36 -11.31 3.57
N ILE B 80 19.44 -10.39 3.36
CA ILE B 80 19.79 -8.98 3.38
C ILE B 80 20.06 -8.52 4.80
N ASP B 81 19.41 -9.17 5.77
CA ASP B 81 19.67 -8.93 7.18
C ASP B 81 21.14 -9.16 7.54
N THR B 82 21.88 -9.77 6.62
CA THR B 82 23.25 -10.19 6.88
C THR B 82 24.31 -9.30 6.24
N ILE B 83 23.97 -8.04 5.94
CA ILE B 83 24.92 -7.16 5.26
C ILE B 83 25.70 -6.27 6.22
N ASP B 84 26.95 -6.65 6.47
CA ASP B 84 27.88 -5.96 7.39
C ASP B 84 28.38 -4.64 6.84
N LYS B 85 28.47 -4.55 5.52
CA LYS B 85 29.05 -3.38 4.92
C LYS B 85 28.65 -3.19 3.48
N ILE B 86 28.54 -1.92 3.10
CA ILE B 86 28.31 -1.54 1.73
C ILE B 86 29.23 -0.37 1.47
N LYS B 87 30.06 -0.49 0.45
CA LYS B 87 31.04 0.53 0.10
C LYS B 87 30.93 0.84 -1.38
N VAL B 88 30.68 2.11 -1.69
CA VAL B 88 30.51 2.55 -3.07
C VAL B 88 31.75 3.32 -3.49
N GLU B 89 32.30 2.99 -4.65
CA GLU B 89 33.54 3.60 -5.10
C GLU B 89 33.40 4.13 -6.51
N TRP B 90 33.65 5.43 -6.69
CA TRP B 90 33.49 6.06 -7.99
C TRP B 90 34.75 5.93 -8.85
N LEU B 91 34.66 5.15 -9.92
CA LEU B 91 35.83 4.75 -10.70
C LEU B 91 36.66 5.89 -11.30
N ALA B 92 36.00 6.96 -11.71
CA ALA B 92 36.70 8.08 -12.35
C ALA B 92 37.94 8.57 -11.61
N LEU B 93 38.11 8.18 -10.34
CA LEU B 93 39.29 8.61 -9.60
C LEU B 93 40.48 7.74 -9.95
N GLU B 94 40.27 6.43 -9.97
CA GLU B 94 41.28 5.48 -10.42
C GLU B 94 41.36 5.42 -11.94
N SER B 95 41.87 6.49 -12.57
CA SER B 95 42.05 6.57 -14.02
C SER B 95 40.94 7.31 -14.78
N GLU B 96 41.36 8.26 -15.61
CA GLU B 96 40.46 9.05 -16.43
C GLU B 96 39.85 8.21 -17.55
N MET B 97 39.99 6.89 -17.45
CA MET B 97 39.45 5.99 -18.46
C MET B 97 38.02 5.58 -18.10
N TYR B 98 37.40 6.32 -17.19
CA TYR B 98 36.08 5.98 -16.67
C TYR B 98 35.15 7.18 -16.69
N ASP B 99 33.85 6.94 -16.82
CA ASP B 99 32.85 8.03 -16.79
C ASP B 99 32.69 8.50 -15.36
N THR B 100 32.63 9.81 -15.22
CA THR B 100 32.43 10.46 -13.94
C THR B 100 31.20 9.82 -13.25
N ARG B 101 30.37 9.14 -14.04
CA ARG B 101 29.18 8.49 -13.50
C ARG B 101 29.38 7.02 -13.16
N ASP B 102 30.56 6.48 -13.39
CA ASP B 102 30.81 5.06 -13.15
C ASP B 102 31.18 4.78 -11.70
N PHE B 103 30.89 3.57 -11.25
CA PHE B 103 31.05 3.23 -9.85
C PHE B 103 30.92 1.75 -9.57
N SER B 104 31.57 1.30 -8.50
CA SER B 104 31.45 -0.09 -8.04
C SER B 104 30.80 -0.16 -6.66
N ILE B 105 30.13 -1.28 -6.38
CA ILE B 105 29.44 -1.46 -5.12
C ILE B 105 29.86 -2.76 -4.47
N THR B 106 30.38 -2.64 -3.25
CA THR B 106 30.91 -3.78 -2.55
C THR B 106 30.03 -4.07 -1.34
N PHE B 107 29.59 -5.32 -1.25
CA PHE B 107 28.74 -5.76 -0.15
C PHE B 107 29.47 -6.78 0.68
N HIS B 108 29.21 -6.82 1.98
CA HIS B 108 29.71 -7.94 2.75
C HIS B 108 28.60 -8.63 3.53
N PHE B 109 28.45 -9.94 3.29
CA PHE B 109 27.44 -10.74 3.97
C PHE B 109 28.08 -11.65 4.99
N HIS B 110 27.52 -11.71 6.18
CA HIS B 110 28.10 -12.56 7.20
C HIS B 110 27.53 -13.97 7.22
N GLY B 111 26.87 -14.38 6.14
CA GLY B 111 26.36 -15.74 6.01
C GLY B 111 25.38 -16.24 7.08
N ILE B 112 24.98 -17.50 6.97
CA ILE B 112 24.15 -18.12 7.98
C ILE B 112 24.50 -19.61 8.04
N GLU B 113 24.44 -20.17 9.25
CA GLU B 113 24.69 -21.58 9.45
C GLU B 113 23.89 -22.46 8.49
N GLY B 114 24.58 -23.30 7.74
CA GLY B 114 23.93 -24.30 6.91
C GLY B 114 22.91 -23.80 5.90
N ASP B 115 23.05 -22.56 5.44
CA ASP B 115 22.19 -22.06 4.39
C ASP B 115 22.85 -21.09 3.44
N PHE B 116 23.33 -19.98 3.98
CA PHE B 116 23.92 -18.95 3.15
C PHE B 116 25.39 -18.76 3.55
N LYS B 117 26.28 -18.74 2.55
CA LYS B 117 27.71 -18.62 2.79
C LYS B 117 28.09 -17.19 3.18
N GLU B 118 29.27 -17.03 3.78
CA GLU B 118 29.79 -15.70 4.09
C GLU B 118 30.60 -15.27 2.90
N GLN B 119 30.51 -13.98 2.53
CA GLN B 119 31.15 -13.54 1.31
C GLN B 119 31.11 -12.04 1.12
N GLN B 120 31.97 -11.55 0.23
CA GLN B 120 32.06 -10.14 -0.09
C GLN B 120 32.10 -9.98 -1.61
N VAL B 121 31.10 -9.29 -2.15
CA VAL B 121 31.00 -9.15 -3.59
C VAL B 121 31.04 -7.69 -4.09
N THR B 122 31.66 -7.49 -5.24
CA THR B 122 31.79 -6.17 -5.87
C THR B 122 31.23 -6.21 -7.28
N LYS B 123 30.09 -5.57 -7.48
CA LYS B 123 29.52 -5.46 -8.83
C LYS B 123 29.91 -4.11 -9.41
N VAL B 124 30.29 -4.12 -10.69
CA VAL B 124 30.78 -2.92 -11.36
C VAL B 124 29.77 -2.39 -12.36
N PHE B 125 29.53 -1.09 -12.29
CA PHE B 125 28.57 -0.45 -13.17
C PHE B 125 29.28 0.67 -13.89
N GLN B 126 29.18 0.64 -15.21
CA GLN B 126 29.75 1.71 -16.02
C GLN B 126 28.92 1.94 -17.26
N ILE B 127 28.86 3.21 -17.66
CA ILE B 127 28.11 3.65 -18.81
C ILE B 127 28.70 3.15 -20.13
N LYS B 128 27.84 2.68 -21.03
CA LYS B 128 28.24 2.21 -22.34
C LYS B 128 27.69 3.09 -23.46
N LYS B 129 28.45 3.19 -24.54
CA LYS B 129 28.21 4.11 -25.66
C LYS B 129 27.08 3.72 -26.62
N GLY B 130 26.52 4.72 -27.29
CA GLY B 130 25.43 4.51 -28.23
C GLY B 130 24.70 5.79 -28.60
N ASP B 136 23.32 8.76 -25.53
CA ASP B 136 23.72 9.42 -24.29
C ASP B 136 24.39 8.46 -23.31
N GLY B 137 24.41 7.17 -23.67
CA GLY B 137 24.95 6.15 -22.80
C GLY B 137 23.95 5.58 -21.79
N ILE B 138 23.82 4.27 -21.80
CA ILE B 138 23.04 3.56 -20.80
C ILE B 138 24.01 3.00 -19.75
N LEU B 139 23.53 2.74 -18.55
CA LEU B 139 24.40 2.14 -17.52
C LEU B 139 24.39 0.63 -17.68
N THR B 140 25.57 0.01 -17.66
CA THR B 140 25.66 -1.44 -17.79
C THR B 140 26.55 -2.04 -16.72
N SER B 141 26.51 -3.37 -16.63
CA SER B 141 27.29 -4.11 -15.66
C SER B 141 27.76 -5.44 -16.23
N GLU B 142 28.55 -6.13 -15.42
CA GLU B 142 29.04 -7.45 -15.76
C GLU B 142 28.63 -8.42 -14.66
N PRO B 143 28.24 -9.63 -15.02
CA PRO B 143 27.87 -10.60 -13.98
C PRO B 143 29.05 -10.86 -13.06
N VAL B 144 28.77 -11.25 -11.84
CA VAL B 144 29.80 -11.44 -10.83
C VAL B 144 29.37 -12.60 -9.97
N PRO B 145 30.33 -13.42 -9.53
CA PRO B 145 29.92 -14.63 -8.82
C PRO B 145 29.38 -14.29 -7.44
N ILE B 146 28.46 -15.12 -6.95
CA ILE B 146 27.93 -15.02 -5.59
C ILE B 146 27.32 -16.35 -5.19
N GLU B 147 27.46 -16.73 -3.91
CA GLU B 147 26.95 -18.01 -3.44
C GLU B 147 25.47 -17.97 -3.02
N TRP B 148 24.59 -18.29 -3.95
CA TRP B 148 23.16 -18.26 -3.70
C TRP B 148 22.84 -19.12 -2.48
N PRO B 149 21.85 -18.70 -1.70
CA PRO B 149 21.48 -19.44 -0.49
C PRO B 149 21.04 -20.83 -0.83
N GLN B 150 21.21 -21.76 0.11
CA GLN B 150 20.82 -23.15 -0.11
C GLN B 150 19.30 -23.29 -0.21
N SER B 151 18.58 -22.34 0.38
CA SER B 151 17.13 -22.36 0.31
C SER B 151 16.69 -22.14 -1.12
N TYR B 152 17.39 -21.25 -1.80
CA TYR B 152 17.06 -20.85 -3.17
C TYR B 152 17.56 -21.85 -4.21
N ASP B 153 17.69 -23.12 -3.83
CA ASP B 153 18.17 -24.10 -4.79
C ASP B 153 17.20 -24.18 -5.95
N SER B 154 15.93 -24.37 -5.62
CA SER B 154 14.90 -24.55 -6.62
C SER B 154 14.99 -23.49 -7.72
N ILE B 155 15.18 -22.23 -7.34
CA ILE B 155 15.20 -21.14 -8.32
C ILE B 155 16.62 -20.69 -8.71
N ASN B 156 17.61 -21.53 -8.41
CA ASN B 156 18.98 -21.20 -8.73
C ASN B 156 19.24 -21.40 -10.22
N PRO B 157 19.60 -20.33 -10.95
CA PRO B 157 19.83 -20.49 -12.39
C PRO B 157 20.87 -21.55 -12.71
N ASP B 158 21.92 -21.64 -11.89
CA ASP B 158 22.97 -22.63 -12.14
C ASP B 158 22.66 -23.97 -11.48
N LEU B 159 21.39 -24.24 -11.26
CA LEU B 159 20.95 -25.49 -10.66
C LEU B 159 19.77 -25.97 -11.47
N ILE B 160 19.50 -25.25 -12.56
CA ILE B 160 18.40 -25.53 -13.48
C ILE B 160 18.97 -26.12 -14.76
N LYS B 161 18.50 -27.30 -15.14
CA LYS B 161 19.07 -27.99 -16.29
C LYS B 161 18.75 -27.34 -17.63
N ASP B 162 17.53 -26.81 -17.75
CA ASP B 162 17.09 -26.18 -18.99
C ASP B 162 16.21 -24.97 -18.69
N LYS B 163 16.73 -23.78 -18.99
CA LYS B 163 16.05 -22.51 -18.78
C LYS B 163 14.90 -22.27 -19.79
N ARG B 164 14.89 -23.05 -20.87
CA ARG B 164 13.90 -22.89 -21.95
C ARG B 164 12.71 -23.81 -21.78
N SER B 165 12.88 -24.85 -20.96
CA SER B 165 11.79 -25.77 -20.65
C SER B 165 10.70 -25.04 -19.92
N PRO B 166 9.47 -25.57 -19.97
CA PRO B 166 8.31 -24.90 -19.37
C PRO B 166 8.49 -24.68 -17.87
N GLU B 167 8.82 -25.74 -17.13
CA GLU B 167 9.10 -25.63 -15.69
C GLU B 167 10.49 -25.02 -15.46
N GLY B 168 11.26 -24.91 -16.54
CA GLY B 168 12.57 -24.31 -16.46
C GLY B 168 12.54 -22.80 -16.58
N LYS B 169 11.69 -22.29 -17.48
CA LYS B 169 11.60 -20.84 -17.61
C LYS B 169 10.86 -20.29 -16.40
N LYS B 170 10.03 -21.13 -15.81
CA LYS B 170 9.20 -20.73 -14.67
C LYS B 170 10.09 -20.47 -13.47
N LYS B 171 10.92 -21.46 -13.10
CA LYS B 171 11.79 -21.31 -11.94
C LYS B 171 12.85 -20.23 -12.15
N TYR B 172 13.34 -20.11 -13.38
CA TYR B 172 14.37 -19.13 -13.71
C TYR B 172 13.89 -17.70 -13.52
N ARG B 173 12.76 -17.37 -14.12
CA ARG B 173 12.18 -16.05 -13.95
C ARG B 173 11.91 -15.73 -12.48
N GLN B 174 11.74 -16.76 -11.65
CA GLN B 174 11.55 -16.55 -10.22
C GLN B 174 12.85 -16.11 -9.55
N GLY B 175 13.92 -16.83 -9.85
CA GLY B 175 15.22 -16.47 -9.33
C GLY B 175 15.71 -15.12 -9.84
N MET B 176 15.16 -14.67 -10.97
CA MET B 176 15.62 -13.41 -11.54
C MET B 176 14.98 -12.19 -10.85
N LYS B 177 14.10 -12.47 -9.90
CA LYS B 177 13.44 -11.42 -9.11
C LYS B 177 14.07 -11.28 -7.70
N THR B 178 14.97 -12.20 -7.37
CA THR B 178 15.75 -12.10 -6.14
C THR B 178 16.93 -11.18 -6.35
N ILE B 179 17.43 -10.65 -5.24
CA ILE B 179 18.54 -9.72 -5.27
C ILE B 179 19.83 -10.41 -5.67
N PHE B 180 19.84 -11.73 -5.52
CA PHE B 180 20.94 -12.53 -6.03
C PHE B 180 20.92 -12.49 -7.54
N GLY B 181 19.72 -12.58 -8.11
CA GLY B 181 19.57 -12.48 -9.54
C GLY B 181 20.02 -11.12 -10.05
N TRP B 182 20.02 -10.14 -9.16
CA TRP B 182 20.44 -8.81 -9.58
C TRP B 182 21.96 -8.77 -9.86
N PHE B 183 22.71 -9.73 -9.30
CA PHE B 183 24.16 -9.78 -9.52
C PHE B 183 24.54 -10.24 -10.93
N ARG B 184 23.60 -10.85 -11.64
CA ARG B 184 23.81 -11.21 -13.03
C ARG B 184 23.54 -10.05 -13.99
N TRP B 185 22.50 -9.27 -13.68
CA TRP B 185 22.10 -8.13 -14.50
C TRP B 185 23.28 -7.49 -15.25
N THR B 186 23.05 -7.13 -16.51
CA THR B 186 24.10 -6.53 -17.33
C THR B 186 23.64 -5.23 -17.97
N GLY B 187 22.35 -5.18 -18.26
CA GLY B 187 21.75 -4.04 -18.96
C GLY B 187 21.58 -4.25 -20.46
N LEU B 188 21.99 -5.40 -20.96
CA LEU B 188 22.02 -5.66 -22.40
C LEU B 188 20.98 -6.65 -22.90
N LYS B 189 20.26 -7.28 -21.97
CA LYS B 189 19.25 -8.24 -22.37
C LYS B 189 17.93 -7.79 -21.78
N PRO B 190 17.41 -6.67 -22.29
CA PRO B 190 16.18 -6.10 -21.70
C PRO B 190 15.06 -7.14 -21.60
N GLY B 191 14.32 -7.12 -20.49
CA GLY B 191 13.20 -8.02 -20.31
C GLY B 191 13.62 -9.40 -19.88
N LYS B 192 14.88 -9.73 -20.12
CA LYS B 192 15.41 -11.05 -19.77
C LYS B 192 15.98 -11.12 -18.34
N GLU B 193 16.60 -10.05 -17.86
CA GLU B 193 17.33 -10.11 -16.59
C GLU B 193 16.62 -9.43 -15.43
N PHE B 194 17.25 -9.43 -14.26
CA PHE B 194 16.69 -8.76 -13.10
C PHE B 194 16.04 -7.46 -13.55
N PRO B 195 14.82 -7.20 -13.05
CA PRO B 195 14.02 -6.01 -13.42
C PRO B 195 14.58 -4.73 -12.83
N HIS B 196 14.84 -3.75 -13.68
CA HIS B 196 15.29 -2.44 -13.25
C HIS B 196 16.60 -2.48 -12.48
N GLY B 197 17.46 -3.44 -12.83
CA GLY B 197 18.76 -3.56 -12.19
C GLY B 197 19.56 -2.27 -12.15
N ASP B 198 19.42 -1.47 -13.19
CA ASP B 198 20.09 -0.17 -13.27
C ASP B 198 19.50 0.87 -12.28
N SER B 199 18.18 0.86 -12.12
CA SER B 199 17.55 1.80 -11.19
C SER B 199 17.99 1.50 -9.76
N LEU B 200 18.07 0.22 -9.43
CA LEU B 200 18.49 -0.24 -8.12
C LEU B 200 19.93 0.12 -7.85
N ALA B 201 20.81 -0.15 -8.80
CA ALA B 201 22.19 0.23 -8.67
C ALA B 201 22.25 1.71 -8.33
N SER B 202 21.64 2.52 -9.18
CA SER B 202 21.60 3.96 -8.95
C SER B 202 21.01 4.35 -7.60
N LEU B 203 20.14 3.50 -7.05
CA LEU B 203 19.53 3.79 -5.76
C LEU B 203 20.60 3.71 -4.69
N PHE B 204 21.47 2.71 -4.85
CA PHE B 204 22.56 2.51 -3.95
C PHE B 204 23.57 3.64 -4.08
N SER B 205 24.05 3.86 -5.28
CA SER B 205 25.09 4.87 -5.45
C SER B 205 24.58 6.26 -5.11
N GLU B 206 23.31 6.52 -5.32
CA GLU B 206 22.87 7.91 -5.24
C GLU B 206 21.98 8.23 -4.05
N GLU B 207 21.42 7.21 -3.41
CA GLU B 207 20.52 7.47 -2.30
C GLU B 207 20.86 6.70 -1.03
N ILE B 208 20.79 5.37 -1.11
CA ILE B 208 21.14 4.54 0.03
C ILE B 208 22.54 4.85 0.55
N TYR B 209 23.58 4.56 -0.22
CA TYR B 209 24.94 4.83 0.28
C TYR B 209 25.11 6.27 0.78
N PRO B 210 24.85 7.26 -0.07
CA PRO B 210 25.05 8.65 0.36
C PRO B 210 24.17 9.12 1.51
N PHE B 211 23.16 8.37 1.90
CA PHE B 211 22.26 8.85 2.96
C PHE B 211 21.90 7.79 3.98
N CYS B 212 22.69 6.73 4.03
CA CYS B 212 22.48 5.67 4.98
C CYS B 212 22.18 6.24 6.37
N VAL B 213 22.94 7.25 6.78
CA VAL B 213 22.77 7.77 8.13
C VAL B 213 21.40 8.42 8.31
N LYS B 214 20.92 9.14 7.30
CA LYS B 214 19.58 9.71 7.41
C LYS B 214 18.53 8.62 7.74
N TYR B 215 18.65 7.44 7.12
CA TYR B 215 17.71 6.35 7.36
C TYR B 215 17.92 5.61 8.67
N TYR B 216 19.17 5.45 9.09
CA TYR B 216 19.41 4.84 10.39
C TYR B 216 18.73 5.70 11.46
N ALA B 217 18.91 7.02 11.39
CA ALA B 217 18.33 7.92 12.40
C ALA B 217 16.81 7.86 12.41
N GLU B 218 16.22 7.61 11.25
CA GLU B 218 14.77 7.50 11.15
C GLU B 218 14.24 6.18 11.68
N ALA B 219 15.05 5.12 11.57
CA ALA B 219 14.68 3.82 12.13
C ALA B 219 14.60 3.92 13.64
N GLN B 220 15.31 4.91 14.18
CA GLN B 220 15.51 5.05 15.62
C GLN B 220 14.47 5.91 16.33
N ARG B 221 13.29 6.06 15.75
CA ARG B 221 12.23 6.84 16.37
C ARG B 221 11.62 6.12 17.58
N ASP B 222 11.67 6.77 18.74
CA ASP B 222 10.92 6.36 19.94
C ASP B 222 9.42 6.25 19.57
N LEU B 223 8.73 5.24 20.13
CA LEU B 223 7.30 4.95 19.79
C LEU B 223 7.11 4.18 18.49
N GLU B 224 6.54 2.98 18.56
CA GLU B 224 6.42 2.18 17.34
C GLU B 224 6.19 3.03 16.08
N ASP B 225 5.06 3.71 16.03
CA ASP B 225 4.60 4.49 14.87
C ASP B 225 5.45 5.69 14.39
N GLU B 226 6.30 5.39 13.41
CA GLU B 226 7.21 6.34 12.75
C GLU B 226 6.50 7.48 12.02
N THR C 11 11.87 3.04 -14.34
CA THR C 11 11.82 3.07 -12.88
C THR C 11 10.37 2.82 -12.42
N GLY C 12 9.88 1.61 -12.68
CA GLY C 12 8.54 1.20 -12.28
C GLY C 12 8.36 1.09 -10.78
N GLY C 13 9.09 0.16 -10.15
CA GLY C 13 9.01 -0.03 -8.72
C GLY C 13 7.97 -1.08 -8.29
N LYS C 14 8.02 -2.24 -8.94
CA LYS C 14 7.33 -3.46 -8.49
C LYS C 14 6.47 -4.06 -9.61
N NH2 C 15 5.98 -3.18 -9.95
N1A ACO D . -16.81 -13.50 -18.50
C2A ACO D . -18.11 -13.16 -18.46
N3A ACO D . -18.87 -13.30 -17.38
C4A ACO D . -18.38 -13.81 -16.24
C5A ACO D . -16.96 -14.20 -16.20
C6A ACO D . -16.18 -14.02 -17.43
N6A ACO D . -14.86 -14.34 -17.51
N7A ACO D . -16.76 -14.65 -14.96
C8A ACO D . -17.96 -14.55 -14.28
N9A ACO D . -18.93 -14.04 -15.06
C1B ACO D . -20.36 -13.73 -14.77
C2B ACO D . -20.98 -14.40 -13.54
O2B ACO D . -21.63 -15.66 -13.79
C3B ACO D . -22.07 -13.45 -13.17
O3B ACO D . -23.23 -13.55 -14.01
P3B ACO D . -24.63 -14.02 -13.42
O7A ACO D . -24.38 -15.28 -12.61
O8A ACO D . -25.15 -12.90 -12.56
O9A ACO D . -25.38 -14.20 -14.73
C4B ACO D . -21.35 -12.13 -13.41
O4B ACO D . -20.52 -12.33 -14.55
C5B ACO D . -20.62 -11.67 -12.15
O5B ACO D . -20.20 -12.80 -11.38
P1A ACO D . -19.19 -12.56 -10.19
O1A ACO D . -20.12 -12.38 -8.97
O2A ACO D . -18.11 -13.62 -10.19
O3A ACO D . -18.54 -11.22 -10.79
P2A ACO D . -17.17 -10.90 -11.54
O4A ACO D . -17.59 -10.39 -12.88
O5A ACO D . -16.21 -12.04 -11.43
O6A ACO D . -16.43 -9.63 -10.90
CBP ACO D . -16.18 -7.23 -10.42
CCP ACO D . -17.12 -8.42 -10.56
CDP ACO D . -15.51 -7.22 -9.04
CEP ACO D . -16.93 -5.92 -10.58
CAP ACO D . -15.15 -7.34 -11.54
OAP ACO D . -15.93 -7.46 -12.73
C9P ACO D . -14.09 -6.24 -11.68
O9P ACO D . -12.93 -6.58 -11.43
N8P ACO D . -14.37 -4.97 -12.06
C7P ACO D . -13.29 -3.99 -12.19
C6P ACO D . -13.07 -3.03 -11.05
C5P ACO D . -14.34 -2.22 -10.75
O5P ACO D . -14.89 -1.55 -11.62
N4P ACO D . -14.76 -2.31 -9.48
C3P ACO D . -15.93 -1.70 -8.91
C2P ACO D . -15.46 -1.11 -7.59
S1P ACO D . -16.58 0.04 -6.86
C ACO D . -16.99 -0.05 -5.25
O ACO D . -16.47 -0.87 -4.52
CH3 ACO D . -18.05 0.91 -4.82
C1 EDO E . -14.86 2.82 -6.49
O1 EDO E . -16.19 2.98 -7.05
C2 EDO E . -14.13 4.17 -6.42
O2 EDO E . -15.10 5.19 -6.69
#